data_7T4V
#
_entry.id   7T4V
#
_cell.length_a   92.232
_cell.length_b   103.690
_cell.length_c   104.310
_cell.angle_alpha   90.000
_cell.angle_beta   90.000
_cell.angle_gamma   90.000
#
_symmetry.space_group_name_H-M   'P 21 21 21'
#
loop_
_entity.id
_entity.type
_entity.pdbx_description
1 polymer 'cGMP-dependent protein kinase 1'
2 non-polymer '4-({(2S,3S)-3-[(1S)-1-(3,5-dichlorophenyl)-2-hydroxyethoxy]-2-phenylpiperidin-1-yl}methyl)-3-methylbenzoic acid'
3 non-polymer 'CHLORIDE ION'
4 water water
#
_entity_poly.entity_id   1
_entity_poly.type   'polypeptide(L)'
_entity_poly.pdbx_seq_one_letter_code
;STGLIKHTEYMEFLKSVPTFQSLPEEILSKLADVLEETHYENGEYIIRQGARGDTFFIISKGTVNVTREDSPSEDPVFLR
TLGKGDWFGEKALQGEDVRTANVIAAEAVTCLVIDRDSFKHLIGGLDDVSNKAYEDAEAKAKYEAEAAFFANLKLSDFNI
IDTLGVGGFGRVELVQLKSEESKTFAMKILKKRHIVDTRQQEHIRSEKQIMQGAHSDFIVRLYRTFKDSKYLYMLMEACL
GGELWTILRDRGSFEDSTTRFYTACVVEAFAYLHSKGIIYRDLKPENLILDHRGYAKLVDFGFAKKIGFGKKTW(TPO)F
CGTPEYVAPEIILNKGHDISADYWSLGILMYELLTGSPPFSGPDPMKTYNIILRGIDMIEFPKKIAKNAANLIKKLCRDN
PSERLGNLKNGVKDIQKHKWFEGFNWEGLRKGTLTPPIIPSVASPTDTSNFDSFPEDNDEPPPDDNSGWDIDF
;
_entity_poly.pdbx_strand_id   A,B
#
loop_
_chem_comp.id
_chem_comp.type
_chem_comp.name
_chem_comp.formula
CL non-polymer 'CHLORIDE ION' 'Cl -1'
EXZ non-polymer '4-({(2S,3S)-3-[(1S)-1-(3,5-dichlorophenyl)-2-hydroxyethoxy]-2-phenylpiperidin-1-yl}methyl)-3-methylbenzoic acid' 'C28 H29 Cl2 N O4'
#
# COMPACT_ATOMS: atom_id res chain seq x y z
N GLY A 3 3.36 28.90 -40.16
CA GLY A 3 2.43 29.74 -39.42
C GLY A 3 0.99 29.27 -39.57
N LEU A 4 0.53 29.13 -40.84
CA LEU A 4 -0.81 28.65 -41.21
C LEU A 4 -0.80 27.13 -41.41
N ILE A 5 0.35 26.55 -41.82
CA ILE A 5 0.57 25.11 -42.00
C ILE A 5 1.20 24.49 -40.69
N LYS A 6 1.86 25.34 -39.87
CA LYS A 6 2.40 25.02 -38.55
C LYS A 6 1.21 24.57 -37.70
N HIS A 7 0.11 25.35 -37.77
CA HIS A 7 -1.14 25.10 -37.04
C HIS A 7 -1.74 23.71 -37.34
N THR A 8 -1.58 23.21 -38.58
CA THR A 8 -2.14 21.91 -39.00
C THR A 8 -1.40 20.69 -38.39
N GLU A 9 -0.10 20.84 -38.05
CA GLU A 9 0.72 19.79 -37.43
C GLU A 9 0.50 19.82 -35.94
N TYR A 10 0.59 21.02 -35.34
CA TYR A 10 0.32 21.23 -33.91
C TYR A 10 -1.03 20.60 -33.56
N MET A 11 -2.02 20.73 -34.45
CA MET A 11 -3.36 20.17 -34.25
C MET A 11 -3.37 18.65 -34.33
N GLU A 12 -2.67 18.06 -35.34
CA GLU A 12 -2.61 16.60 -35.48
C GLU A 12 -1.78 15.98 -34.34
N PHE A 13 -0.77 16.74 -33.81
CA PHE A 13 0.06 16.27 -32.68
C PHE A 13 -0.74 16.24 -31.36
N LEU A 14 -1.59 17.26 -31.09
CA LEU A 14 -2.42 17.29 -29.89
C LEU A 14 -3.44 16.14 -29.88
N LYS A 15 -3.89 15.74 -31.07
CA LYS A 15 -4.85 14.63 -31.22
C LYS A 15 -4.17 13.25 -30.99
N SER A 16 -2.82 13.22 -31.00
CA SER A 16 -2.06 12.01 -30.68
C SER A 16 -1.85 11.86 -29.16
N VAL A 17 -1.82 12.97 -28.40
CA VAL A 17 -1.63 12.94 -26.94
C VAL A 17 -2.94 12.42 -26.32
N PRO A 18 -2.92 11.35 -25.50
CA PRO A 18 -4.20 10.81 -24.95
C PRO A 18 -5.01 11.76 -24.04
N THR A 19 -4.31 12.59 -23.26
CA THR A 19 -4.92 13.56 -22.34
C THR A 19 -5.74 14.62 -23.09
N PHE A 20 -5.18 15.17 -24.17
CA PHE A 20 -5.80 16.26 -24.94
C PHE A 20 -6.69 15.80 -26.10
N GLN A 21 -6.33 14.70 -26.80
CA GLN A 21 -7.07 14.24 -27.99
C GLN A 21 -8.58 14.25 -27.89
N SER A 22 -9.11 13.89 -26.72
CA SER A 22 -10.54 13.84 -26.42
C SER A 22 -11.20 15.22 -26.25
N LEU A 23 -10.42 16.31 -26.16
CA LEU A 23 -10.97 17.66 -25.97
C LEU A 23 -11.63 18.20 -27.24
N PRO A 24 -12.58 19.16 -27.08
CA PRO A 24 -13.19 19.80 -28.27
C PRO A 24 -12.17 20.54 -29.15
N GLU A 25 -12.47 20.61 -30.47
CA GLU A 25 -11.57 21.28 -31.41
C GLU A 25 -11.47 22.79 -31.18
N GLU A 26 -12.47 23.41 -30.52
CA GLU A 26 -12.36 24.83 -30.21
C GLU A 26 -11.13 25.03 -29.32
N ILE A 27 -11.03 24.23 -28.24
CA ILE A 27 -9.91 24.26 -27.30
C ILE A 27 -8.56 23.97 -28.00
N LEU A 28 -8.53 22.91 -28.85
CA LEU A 28 -7.34 22.45 -29.57
C LEU A 28 -6.80 23.41 -30.62
N SER A 29 -7.70 24.11 -31.37
CA SER A 29 -7.27 25.08 -32.40
C SER A 29 -6.76 26.35 -31.72
N LYS A 30 -7.52 26.81 -30.68
CA LYS A 30 -7.16 27.94 -29.84
C LYS A 30 -5.77 27.69 -29.18
N LEU A 31 -5.50 26.42 -28.78
CA LEU A 31 -4.23 25.99 -28.17
C LEU A 31 -3.08 26.08 -29.18
N ALA A 32 -3.32 25.54 -30.42
CA ALA A 32 -2.35 25.54 -31.53
C ALA A 32 -1.94 26.96 -31.99
N ASP A 33 -2.79 28.00 -31.76
CA ASP A 33 -2.45 29.39 -32.09
C ASP A 33 -1.40 29.94 -31.12
N VAL A 34 -1.63 29.74 -29.82
CA VAL A 34 -0.77 30.28 -28.74
C VAL A 34 0.53 29.50 -28.49
N LEU A 35 0.56 28.15 -28.69
CA LEU A 35 1.74 27.35 -28.36
C LEU A 35 3.02 27.75 -29.11
N GLU A 36 4.10 28.02 -28.33
CA GLU A 36 5.42 28.39 -28.87
C GLU A 36 6.36 27.22 -28.78
N GLU A 37 7.05 26.90 -29.86
CA GLU A 37 7.98 25.78 -29.94
C GLU A 37 9.41 26.18 -29.46
N THR A 38 9.89 25.61 -28.34
CA THR A 38 11.24 25.88 -27.79
C THR A 38 12.14 24.64 -28.00
N HIS A 39 13.44 24.86 -28.33
CA HIS A 39 14.43 23.80 -28.60
C HIS A 39 15.57 23.66 -27.56
N TYR A 40 15.91 22.41 -27.19
CA TYR A 40 16.97 22.13 -26.19
C TYR A 40 17.98 21.13 -26.74
N GLU A 41 19.17 21.12 -26.13
CA GLU A 41 20.27 20.23 -26.52
C GLU A 41 20.50 19.24 -25.39
N ASN A 42 21.08 18.05 -25.72
CA ASN A 42 21.34 17.00 -24.72
C ASN A 42 22.13 17.59 -23.55
N GLY A 43 21.67 17.28 -22.34
CA GLY A 43 22.28 17.77 -21.10
C GLY A 43 21.71 19.09 -20.61
N GLU A 44 20.98 19.85 -21.46
CA GLU A 44 20.43 21.14 -21.06
C GLU A 44 19.30 20.99 -20.05
N TYR A 45 19.30 21.86 -19.02
CA TYR A 45 18.27 21.86 -17.99
C TYR A 45 17.10 22.70 -18.51
N ILE A 46 15.97 22.05 -18.84
CA ILE A 46 14.76 22.75 -19.32
C ILE A 46 14.17 23.50 -18.11
N ILE A 47 14.24 22.85 -16.94
CA ILE A 47 13.80 23.37 -15.66
C ILE A 47 14.85 22.97 -14.59
N ARG A 48 15.00 23.83 -13.56
CA ARG A 48 15.88 23.59 -12.41
C ARG A 48 15.04 23.68 -11.14
N GLN A 49 15.26 22.77 -10.22
CA GLN A 49 14.58 22.69 -8.93
C GLN A 49 14.92 23.97 -8.10
N GLY A 50 13.91 24.56 -7.42
CA GLY A 50 14.09 25.77 -6.62
C GLY A 50 13.89 27.08 -7.37
N ALA A 51 13.80 27.03 -8.71
CA ALA A 51 13.57 28.23 -9.53
C ALA A 51 12.07 28.53 -9.53
N ARG A 52 11.69 29.76 -9.89
CA ARG A 52 10.28 30.14 -9.98
C ARG A 52 9.96 30.33 -11.47
N GLY A 53 8.88 29.70 -11.94
CA GLY A 53 8.49 29.77 -13.35
C GLY A 53 6.99 29.83 -13.56
N ASP A 54 6.57 30.24 -14.77
CA ASP A 54 5.15 30.36 -15.11
C ASP A 54 4.80 29.61 -16.41
N THR A 55 5.66 28.67 -16.87
CA THR A 55 5.47 27.99 -18.15
C THR A 55 5.28 26.42 -18.06
N PHE A 56 4.35 25.88 -18.88
CA PHE A 56 4.00 24.45 -19.01
C PHE A 56 4.59 23.89 -20.31
N PHE A 57 5.06 22.62 -20.29
CA PHE A 57 5.75 22.01 -21.44
C PHE A 57 5.14 20.70 -21.85
N ILE A 58 5.16 20.44 -23.17
CA ILE A 58 4.65 19.22 -23.81
C ILE A 58 5.77 18.79 -24.77
N ILE A 59 6.24 17.55 -24.68
CA ILE A 59 7.34 17.08 -25.53
C ILE A 59 6.82 16.65 -26.91
N SER A 60 7.38 17.26 -27.96
CA SER A 60 7.04 16.97 -29.35
C SER A 60 8.13 16.16 -30.07
N LYS A 61 9.32 16.05 -29.47
CA LYS A 61 10.45 15.33 -30.03
C LYS A 61 11.48 15.19 -28.90
N GLY A 62 11.99 13.97 -28.67
CA GLY A 62 13.02 13.70 -27.66
C GLY A 62 12.54 13.10 -26.36
N THR A 63 13.46 13.05 -25.37
CA THR A 63 13.23 12.55 -24.01
C THR A 63 13.93 13.42 -22.98
N VAL A 64 13.36 13.47 -21.76
CA VAL A 64 13.89 14.24 -20.63
C VAL A 64 13.95 13.33 -19.38
N ASN A 65 14.95 13.59 -18.48
CA ASN A 65 15.11 12.84 -17.23
C ASN A 65 14.81 13.81 -16.09
N VAL A 66 13.90 13.40 -15.20
CA VAL A 66 13.50 14.19 -14.04
C VAL A 66 14.23 13.64 -12.80
N THR A 67 14.97 14.54 -12.08
CA THR A 67 15.72 14.26 -10.84
C THR A 67 15.19 15.21 -9.75
N ARG A 68 15.55 14.99 -8.48
CA ARG A 68 15.15 15.82 -7.33
C ARG A 68 16.15 15.67 -6.15
N GLU A 69 17.05 16.67 -5.94
CA GLU A 69 17.97 16.58 -4.79
C GLU A 69 17.21 16.99 -3.53
N ASP A 70 17.25 16.14 -2.47
CA ASP A 70 16.53 16.39 -1.23
C ASP A 70 17.34 17.20 -0.20
N SER A 71 18.64 17.45 -0.44
CA SER A 71 19.45 18.26 0.45
C SER A 71 20.72 18.69 -0.21
N PRO A 72 21.25 19.90 0.12
CA PRO A 72 22.51 20.38 -0.51
C PRO A 72 23.64 19.34 -0.59
N SER A 73 23.90 18.67 0.57
CA SER A 73 24.93 17.62 0.68
C SER A 73 24.30 16.19 0.67
N GLU A 74 23.73 15.85 -0.51
CA GLU A 74 23.08 14.58 -0.81
C GLU A 74 23.13 14.44 -2.35
N ASP A 75 23.19 13.20 -2.88
CA ASP A 75 23.22 12.97 -4.33
C ASP A 75 21.81 13.20 -4.89
N PRO A 76 21.65 13.47 -6.21
CA PRO A 76 20.29 13.63 -6.76
C PRO A 76 19.53 12.31 -6.79
N VAL A 77 18.21 12.39 -6.86
CA VAL A 77 17.30 11.23 -6.85
C VAL A 77 16.56 11.17 -8.21
N PHE A 78 16.92 10.20 -9.07
CA PHE A 78 16.24 10.04 -10.36
C PHE A 78 14.79 9.54 -10.12
N LEU A 79 13.82 10.17 -10.78
CA LEU A 79 12.40 9.89 -10.63
C LEU A 79 11.82 9.23 -11.85
N ARG A 80 11.90 9.89 -13.03
CA ARG A 80 11.34 9.33 -14.27
C ARG A 80 11.90 9.94 -15.54
N THR A 81 11.62 9.25 -16.67
CA THR A 81 12.01 9.64 -18.02
C THR A 81 10.73 9.90 -18.84
N LEU A 82 10.56 11.12 -19.37
CA LEU A 82 9.39 11.51 -20.15
C LEU A 82 9.78 11.66 -21.62
N GLY A 83 8.94 11.14 -22.50
CA GLY A 83 9.17 11.18 -23.95
C GLY A 83 8.11 11.99 -24.66
N LYS A 84 8.03 11.82 -25.98
CA LYS A 84 7.03 12.53 -26.79
C LYS A 84 5.61 12.22 -26.28
N GLY A 85 4.79 13.27 -26.19
CA GLY A 85 3.41 13.17 -25.71
C GLY A 85 3.26 13.48 -24.23
N ASP A 86 4.34 13.32 -23.44
CA ASP A 86 4.33 13.56 -22.00
C ASP A 86 4.55 15.03 -21.74
N TRP A 87 4.10 15.51 -20.59
CA TRP A 87 4.17 16.92 -20.24
C TRP A 87 4.57 17.13 -18.81
N PHE A 88 5.06 18.34 -18.51
CA PHE A 88 5.54 18.68 -17.17
C PHE A 88 5.45 20.20 -16.88
N GLY A 89 5.74 20.61 -15.65
CA GLY A 89 5.68 22.01 -15.25
C GLY A 89 4.29 22.56 -14.94
N GLU A 90 3.21 21.75 -15.13
CA GLU A 90 1.79 22.13 -14.93
C GLU A 90 1.42 22.93 -13.70
N LYS A 91 2.11 22.71 -12.55
CA LYS A 91 1.83 23.43 -11.30
C LYS A 91 1.96 24.95 -11.53
N ALA A 92 2.92 25.37 -12.41
CA ALA A 92 3.18 26.75 -12.81
C ALA A 92 1.95 27.47 -13.36
N LEU A 93 1.07 26.75 -14.10
CA LEU A 93 -0.16 27.32 -14.67
C LEU A 93 -1.23 27.60 -13.59
N GLN A 94 -1.44 26.70 -12.61
CA GLN A 94 -2.43 26.95 -11.56
C GLN A 94 -1.74 27.62 -10.36
N GLY A 95 -1.29 28.86 -10.56
CA GLY A 95 -0.63 29.64 -9.53
C GLY A 95 0.83 29.31 -9.23
N GLU A 96 1.07 28.45 -8.18
CA GLU A 96 2.38 28.10 -7.58
C GLU A 96 3.53 27.95 -8.59
N ASP A 97 4.47 28.91 -8.52
CA ASP A 97 5.56 29.05 -9.47
C ASP A 97 6.87 28.39 -9.04
N VAL A 98 7.03 28.00 -7.76
CA VAL A 98 8.26 27.34 -7.31
C VAL A 98 8.39 25.91 -7.93
N ARG A 99 9.61 25.56 -8.41
CA ARG A 99 9.89 24.26 -9.04
C ARG A 99 10.43 23.29 -7.98
N THR A 100 10.01 22.00 -8.02
CA THR A 100 10.45 20.99 -7.05
C THR A 100 11.43 19.94 -7.63
N ALA A 101 11.57 19.82 -8.97
CA ALA A 101 12.50 18.85 -9.57
C ALA A 101 13.13 19.44 -10.82
N ASN A 102 14.30 18.90 -11.23
CA ASN A 102 15.01 19.35 -12.42
C ASN A 102 14.58 18.51 -13.63
N VAL A 103 14.28 19.13 -14.79
CA VAL A 103 13.94 18.37 -16.02
C VAL A 103 15.06 18.64 -17.01
N ILE A 104 15.93 17.65 -17.22
CA ILE A 104 17.11 17.74 -18.08
C ILE A 104 16.86 17.03 -19.41
N ALA A 105 17.35 17.61 -20.50
CA ALA A 105 17.25 17.03 -21.83
C ALA A 105 18.18 15.80 -21.89
N ALA A 106 17.62 14.61 -22.18
CA ALA A 106 18.40 13.38 -22.29
C ALA A 106 18.93 13.17 -23.72
N GLU A 107 18.55 14.07 -24.66
CA GLU A 107 18.97 14.08 -26.08
C GLU A 107 18.53 15.45 -26.70
N ALA A 108 18.44 15.57 -28.04
CA ALA A 108 17.91 16.79 -28.65
C ALA A 108 16.41 16.77 -28.30
N VAL A 109 15.90 17.84 -27.66
CA VAL A 109 14.51 17.90 -27.22
C VAL A 109 13.78 19.11 -27.81
N THR A 110 12.49 18.93 -28.14
CA THR A 110 11.63 19.99 -28.66
C THR A 110 10.36 19.96 -27.84
N CYS A 111 10.03 21.10 -27.21
CA CYS A 111 8.81 21.27 -26.44
C CYS A 111 7.92 22.28 -27.11
N LEU A 112 6.64 22.24 -26.76
CA LEU A 112 5.63 23.23 -27.13
C LEU A 112 5.27 23.81 -25.79
N VAL A 113 5.54 25.11 -25.61
CA VAL A 113 5.43 25.74 -24.30
C VAL A 113 4.34 26.84 -24.27
N ILE A 114 3.71 26.99 -23.13
CA ILE A 114 2.69 28.00 -22.89
C ILE A 114 2.84 28.53 -21.46
N ASP A 115 2.82 29.87 -21.29
CA ASP A 115 2.92 30.50 -19.98
C ASP A 115 1.54 30.54 -19.28
N ARG A 116 1.51 31.06 -18.05
CA ARG A 116 0.31 31.08 -17.18
C ARG A 116 -0.76 32.03 -17.68
N ASP A 117 -0.37 33.26 -18.08
CA ASP A 117 -1.24 34.34 -18.61
C ASP A 117 -1.88 33.88 -19.90
N SER A 118 -1.05 33.46 -20.89
CA SER A 118 -1.50 32.92 -22.16
C SER A 118 -2.54 31.82 -22.00
N PHE A 119 -2.44 30.98 -20.96
CA PHE A 119 -3.40 29.91 -20.67
C PHE A 119 -4.69 30.45 -20.03
N LYS A 120 -4.57 31.33 -19.03
CA LYS A 120 -5.74 31.93 -18.36
C LYS A 120 -6.55 32.77 -19.34
N HIS A 121 -5.85 33.53 -20.21
CA HIS A 121 -6.52 34.34 -21.22
C HIS A 121 -7.24 33.43 -22.20
N LEU A 122 -6.62 32.29 -22.56
CA LEU A 122 -7.20 31.32 -23.47
C LEU A 122 -8.47 30.65 -22.93
N ILE A 123 -8.59 30.45 -21.59
CA ILE A 123 -9.78 29.77 -21.07
C ILE A 123 -11.14 30.56 -21.37
N GLY A 124 -11.10 31.83 -21.81
CA GLY A 124 -12.33 32.53 -22.23
C GLY A 124 -12.90 31.97 -23.54
N GLY A 125 -13.88 31.06 -23.44
CA GLY A 125 -14.51 30.39 -24.59
C GLY A 125 -15.94 29.91 -24.39
N LEU A 126 -16.50 29.22 -25.43
CA LEU A 126 -17.90 28.76 -25.54
C LEU A 126 -18.52 28.17 -24.26
N ASP A 127 -19.19 29.04 -23.51
CA ASP A 127 -19.93 28.86 -22.24
C ASP A 127 -20.20 27.37 -21.84
N ASP A 128 -21.45 26.83 -21.94
CA ASP A 128 -21.77 25.46 -21.51
C ASP A 128 -21.49 24.42 -22.63
N VAL A 129 -20.67 24.78 -23.64
CA VAL A 129 -20.32 23.86 -24.70
C VAL A 129 -18.90 23.41 -24.39
N SER A 130 -17.93 24.34 -24.46
CA SER A 130 -16.50 24.09 -24.26
C SER A 130 -15.98 24.33 -22.84
N ASN A 131 -16.48 25.35 -22.12
CA ASN A 131 -16.03 25.58 -20.73
C ASN A 131 -16.54 24.41 -19.87
N LYS A 132 -17.80 23.93 -20.12
CA LYS A 132 -18.37 22.78 -19.40
C LYS A 132 -17.47 21.56 -19.59
N ALA A 133 -17.17 21.23 -20.85
CA ALA A 133 -16.32 20.08 -21.21
C ALA A 133 -14.90 20.18 -20.65
N TYR A 134 -14.38 21.40 -20.44
CA TYR A 134 -13.04 21.59 -19.88
C TYR A 134 -13.02 21.19 -18.42
N GLU A 135 -14.01 21.66 -17.65
CA GLU A 135 -14.10 21.35 -16.21
C GLU A 135 -14.37 19.87 -15.89
N ASP A 136 -15.02 19.14 -16.81
CA ASP A 136 -15.33 17.71 -16.64
C ASP A 136 -14.03 16.92 -16.61
N ALA A 137 -13.14 17.18 -17.59
CA ALA A 137 -11.83 16.54 -17.68
C ALA A 137 -10.93 16.94 -16.49
N GLU A 138 -10.96 18.23 -16.10
CA GLU A 138 -10.20 18.74 -14.96
C GLU A 138 -10.65 18.03 -13.68
N ALA A 139 -11.99 17.87 -13.49
CA ALA A 139 -12.58 17.15 -12.36
C ALA A 139 -12.08 15.71 -12.38
N LYS A 140 -12.27 14.97 -13.51
CA LYS A 140 -11.77 13.58 -13.69
C LYS A 140 -10.26 13.48 -13.38
N ALA A 141 -9.50 14.45 -13.87
CA ALA A 141 -8.07 14.52 -13.66
C ALA A 141 -7.70 14.89 -12.21
N LYS A 142 -8.59 15.58 -11.48
CA LYS A 142 -8.39 15.91 -10.06
C LYS A 142 -8.47 14.61 -9.18
N TYR A 143 -9.30 13.63 -9.57
CA TYR A 143 -9.47 12.38 -8.83
C TYR A 143 -8.29 11.40 -9.01
N GLU A 144 -7.53 11.44 -10.14
CA GLU A 144 -6.33 10.61 -10.36
C GLU A 144 -5.17 11.21 -9.54
N ALA A 145 -5.15 12.54 -9.40
CA ALA A 145 -4.15 13.22 -8.58
C ALA A 145 -4.35 12.82 -7.11
N GLU A 146 -5.62 12.79 -6.66
CA GLU A 146 -6.02 12.40 -5.30
C GLU A 146 -5.50 10.99 -4.98
N ALA A 147 -5.81 10.01 -5.87
CA ALA A 147 -5.38 8.60 -5.71
C ALA A 147 -3.89 8.47 -5.46
N ALA A 148 -3.06 9.13 -6.29
CA ALA A 148 -1.60 9.05 -6.15
C ALA A 148 -1.10 9.67 -4.85
N PHE A 149 -1.82 10.65 -4.28
CA PHE A 149 -1.41 11.22 -2.98
C PHE A 149 -1.57 10.14 -1.91
N PHE A 150 -2.73 9.44 -1.92
CA PHE A 150 -3.04 8.34 -1.00
C PHE A 150 -2.23 7.07 -1.29
N ALA A 151 -1.87 6.82 -2.56
CA ALA A 151 -1.12 5.61 -2.94
C ALA A 151 0.29 5.57 -2.30
N ASN A 152 0.89 6.74 -2.03
CA ASN A 152 2.21 6.86 -1.42
C ASN A 152 2.14 6.57 0.10
N LEU A 153 0.94 6.60 0.69
CA LEU A 153 0.75 6.38 2.11
C LEU A 153 0.75 4.90 2.51
N LYS A 154 1.14 4.68 3.77
CA LYS A 154 1.18 3.40 4.48
C LYS A 154 0.37 3.56 5.77
N LEU A 155 0.01 2.44 6.41
CA LEU A 155 -0.75 2.50 7.69
C LEU A 155 0.11 3.17 8.75
N SER A 156 1.43 2.88 8.75
CA SER A 156 2.43 3.49 9.62
C SER A 156 2.43 5.05 9.55
N ASP A 157 1.82 5.67 8.49
CA ASP A 157 1.73 7.14 8.40
C ASP A 157 0.53 7.72 9.19
N PHE A 158 -0.28 6.85 9.86
CA PHE A 158 -1.44 7.24 10.66
C PHE A 158 -1.29 6.79 12.08
N ASN A 159 -2.00 7.47 12.97
CA ASN A 159 -2.09 7.15 14.38
C ASN A 159 -3.60 7.09 14.72
N ILE A 160 -3.97 6.29 15.73
CA ILE A 160 -5.36 6.08 16.15
C ILE A 160 -5.70 7.07 17.25
N ILE A 161 -6.91 7.65 17.13
CA ILE A 161 -7.44 8.62 18.08
C ILE A 161 -8.42 7.86 18.99
N ASP A 162 -9.62 7.54 18.47
CA ASP A 162 -10.67 6.84 19.23
C ASP A 162 -11.55 6.01 18.33
N THR A 163 -12.22 5.01 18.94
CA THR A 163 -13.13 4.11 18.24
C THR A 163 -14.48 4.79 17.97
N LEU A 164 -14.98 4.62 16.73
CA LEU A 164 -16.22 5.18 16.24
C LEU A 164 -17.37 4.15 16.20
N GLY A 165 -17.04 2.87 16.00
CA GLY A 165 -18.03 1.79 15.96
C GLY A 165 -17.35 0.48 16.12
N VAL A 166 -18.05 -0.47 16.71
CA VAL A 166 -17.51 -1.82 16.94
C VAL A 166 -18.64 -2.83 16.70
N GLY A 167 -18.38 -3.82 15.84
CA GLY A 167 -19.29 -4.92 15.58
C GLY A 167 -18.53 -6.21 15.38
N GLY A 168 -19.22 -7.23 14.85
CA GLY A 168 -18.63 -8.53 14.52
C GLY A 168 -17.56 -8.36 13.46
N PHE A 169 -17.87 -7.51 12.44
CA PHE A 169 -16.96 -7.12 11.32
C PHE A 169 -15.53 -6.72 11.76
N GLY A 170 -15.46 -5.96 12.82
CA GLY A 170 -14.23 -5.43 13.37
C GLY A 170 -14.60 -4.12 14.01
N ARG A 171 -13.98 -3.04 13.57
CA ARG A 171 -14.33 -1.75 14.13
C ARG A 171 -13.97 -0.62 13.16
N VAL A 172 -14.48 0.58 13.48
CA VAL A 172 -14.20 1.83 12.81
C VAL A 172 -13.44 2.62 13.86
N GLU A 173 -12.38 3.28 13.42
CA GLU A 173 -11.47 4.05 14.24
C GLU A 173 -11.24 5.40 13.63
N LEU A 174 -11.19 6.45 14.45
CA LEU A 174 -10.82 7.77 13.95
C LEU A 174 -9.27 7.77 13.91
N VAL A 175 -8.69 8.02 12.73
CA VAL A 175 -7.22 8.03 12.57
C VAL A 175 -6.76 9.38 12.09
N GLN A 176 -5.59 9.82 12.59
CA GLN A 176 -4.99 11.10 12.25
C GLN A 176 -3.78 10.88 11.35
N LEU A 177 -3.61 11.70 10.28
CA LEU A 177 -2.44 11.58 9.43
C LEU A 177 -1.32 12.19 10.22
N LYS A 178 -0.31 11.40 10.61
CA LYS A 178 0.81 11.88 11.43
C LYS A 178 1.40 13.17 10.92
N SER A 179 1.69 13.21 9.60
CA SER A 179 2.33 14.30 8.86
C SER A 179 1.55 15.61 8.75
N GLU A 180 0.21 15.59 8.94
CA GLU A 180 -0.67 16.77 8.89
C GLU A 180 -1.80 16.44 9.85
N GLU A 181 -1.71 16.95 11.08
CA GLU A 181 -2.63 16.64 12.18
C GLU A 181 -4.10 17.18 12.02
N SER A 182 -4.33 18.12 11.09
CA SER A 182 -5.65 18.64 10.71
C SER A 182 -6.43 17.58 9.86
N LYS A 183 -5.67 16.60 9.28
CA LYS A 183 -6.23 15.53 8.44
C LYS A 183 -6.60 14.30 9.28
N THR A 184 -7.91 14.08 9.51
CA THR A 184 -8.41 12.89 10.22
C THR A 184 -9.37 12.11 9.32
N PHE A 185 -9.39 10.77 9.48
CA PHE A 185 -10.20 9.86 8.68
C PHE A 185 -10.86 8.83 9.53
N ALA A 186 -11.91 8.19 9.01
CA ALA A 186 -12.62 7.10 9.67
C ALA A 186 -12.10 5.78 9.04
N MET A 187 -11.17 5.11 9.73
CA MET A 187 -10.59 3.87 9.24
C MET A 187 -11.46 2.69 9.65
N LYS A 188 -11.99 1.95 8.68
CA LYS A 188 -12.79 0.76 8.98
C LYS A 188 -11.88 -0.46 8.82
N ILE A 189 -11.42 -1.03 9.97
CA ILE A 189 -10.60 -2.24 10.03
C ILE A 189 -11.57 -3.45 10.04
N LEU A 190 -11.35 -4.43 9.14
CA LEU A 190 -12.23 -5.60 9.00
C LEU A 190 -11.50 -6.92 9.13
N LYS A 191 -12.02 -7.85 9.96
CA LYS A 191 -11.40 -9.17 10.11
C LYS A 191 -11.66 -9.95 8.81
N LYS A 192 -10.59 -10.41 8.12
CA LYS A 192 -10.74 -11.19 6.88
C LYS A 192 -11.46 -12.50 7.12
N ARG A 193 -11.30 -13.08 8.30
CA ARG A 193 -11.96 -14.31 8.66
C ARG A 193 -13.48 -14.15 8.58
N HIS A 194 -14.02 -13.07 9.18
CA HIS A 194 -15.46 -12.81 9.18
C HIS A 194 -16.00 -12.73 7.74
N ILE A 195 -15.32 -11.95 6.90
CA ILE A 195 -15.67 -11.76 5.48
C ILE A 195 -15.76 -13.13 4.81
N VAL A 196 -14.75 -13.98 5.07
CA VAL A 196 -14.67 -15.34 4.53
C VAL A 196 -15.80 -16.23 5.06
N ASP A 197 -15.99 -16.25 6.38
CA ASP A 197 -17.01 -17.05 7.02
C ASP A 197 -18.44 -16.69 6.59
N THR A 198 -18.68 -15.42 6.19
CA THR A 198 -19.99 -14.96 5.71
C THR A 198 -20.13 -14.98 4.17
N ARG A 199 -19.09 -15.42 3.43
CA ARG A 199 -19.07 -15.45 1.95
C ARG A 199 -19.19 -14.03 1.34
N GLN A 200 -18.57 -13.03 1.99
CA GLN A 200 -18.65 -11.61 1.54
C GLN A 200 -17.40 -11.10 0.79
N GLN A 201 -16.66 -11.98 0.11
CA GLN A 201 -15.43 -11.59 -0.57
C GLN A 201 -15.76 -10.73 -1.76
N GLU A 202 -16.92 -10.97 -2.40
CA GLU A 202 -17.35 -10.18 -3.55
C GLU A 202 -18.20 -8.97 -3.14
N HIS A 203 -18.89 -9.01 -1.99
CA HIS A 203 -19.64 -7.84 -1.49
C HIS A 203 -18.65 -6.74 -1.08
N ILE A 204 -17.51 -7.16 -0.54
CA ILE A 204 -16.44 -6.26 -0.10
C ILE A 204 -15.61 -5.78 -1.28
N ARG A 205 -15.43 -6.61 -2.32
CA ARG A 205 -14.69 -6.16 -3.51
C ARG A 205 -15.51 -5.06 -4.25
N SER A 206 -16.85 -5.23 -4.32
CA SER A 206 -17.71 -4.26 -4.98
C SER A 206 -17.79 -2.97 -4.14
N GLU A 207 -17.90 -3.11 -2.80
CA GLU A 207 -17.96 -1.97 -1.88
C GLU A 207 -16.81 -1.02 -2.17
N LYS A 208 -15.59 -1.58 -2.28
CA LYS A 208 -14.38 -0.82 -2.58
C LYS A 208 -14.56 -0.08 -3.92
N GLN A 209 -14.76 -0.84 -5.00
CA GLN A 209 -14.96 -0.35 -6.38
C GLN A 209 -15.99 0.79 -6.48
N ILE A 210 -17.16 0.65 -5.80
CA ILE A 210 -18.20 1.68 -5.85
C ILE A 210 -17.84 2.93 -5.04
N MET A 211 -17.52 2.82 -3.73
CA MET A 211 -17.22 3.99 -2.91
C MET A 211 -16.05 4.82 -3.44
N GLN A 212 -14.99 4.15 -3.99
CA GLN A 212 -13.87 4.86 -4.61
C GLN A 212 -14.33 5.59 -5.90
N GLY A 213 -15.20 4.93 -6.68
CA GLY A 213 -15.78 5.51 -7.90
C GLY A 213 -16.76 6.65 -7.66
N ALA A 214 -17.48 6.62 -6.53
CA ALA A 214 -18.46 7.63 -6.16
C ALA A 214 -17.82 8.97 -5.78
N HIS A 215 -18.46 10.08 -6.17
CA HIS A 215 -18.00 11.45 -5.92
C HIS A 215 -19.23 12.33 -5.69
N SER A 216 -19.98 12.06 -4.59
CA SER A 216 -21.18 12.78 -4.16
C SER A 216 -21.05 13.27 -2.73
N ASP A 217 -21.63 14.46 -2.44
CA ASP A 217 -21.60 15.04 -1.09
C ASP A 217 -22.64 14.37 -0.19
N PHE A 218 -23.44 13.42 -0.72
CA PHE A 218 -24.43 12.67 0.07
C PHE A 218 -23.96 11.24 0.27
N ILE A 219 -22.69 10.95 -0.06
CA ILE A 219 -22.07 9.63 0.07
C ILE A 219 -20.70 9.84 0.71
N VAL A 220 -20.31 8.92 1.60
CA VAL A 220 -19.02 8.99 2.31
C VAL A 220 -17.89 8.60 1.33
N ARG A 221 -16.84 9.44 1.23
CA ARG A 221 -15.68 9.14 0.38
C ARG A 221 -14.84 7.97 0.91
N LEU A 222 -14.48 7.02 0.02
CA LEU A 222 -13.51 5.96 0.31
C LEU A 222 -12.29 6.36 -0.53
N TYR A 223 -11.23 6.84 0.13
CA TYR A 223 -10.06 7.36 -0.56
C TYR A 223 -9.14 6.25 -1.07
N ARG A 224 -8.94 5.23 -0.25
CA ARG A 224 -8.10 4.07 -0.63
C ARG A 224 -8.31 2.93 0.36
N THR A 225 -7.63 1.80 0.10
CA THR A 225 -7.66 0.67 0.99
C THR A 225 -6.24 0.12 1.26
N PHE A 226 -6.12 -0.54 2.42
CA PHE A 226 -4.92 -1.21 2.88
C PHE A 226 -5.28 -2.64 3.32
N LYS A 227 -4.25 -3.49 3.45
CA LYS A 227 -4.41 -4.87 3.89
C LYS A 227 -3.16 -5.40 4.60
N ASP A 228 -3.36 -6.37 5.51
CA ASP A 228 -2.28 -7.10 6.14
C ASP A 228 -2.68 -8.57 6.08
N SER A 229 -2.07 -9.43 6.87
CA SER A 229 -2.40 -10.85 6.80
C SER A 229 -3.78 -11.16 7.39
N LYS A 230 -4.28 -10.32 8.31
CA LYS A 230 -5.54 -10.54 9.03
C LYS A 230 -6.69 -9.60 8.71
N TYR A 231 -6.40 -8.34 8.36
CA TYR A 231 -7.45 -7.36 8.13
C TYR A 231 -7.38 -6.61 6.82
N LEU A 232 -8.52 -5.97 6.49
CA LEU A 232 -8.67 -5.02 5.40
C LEU A 232 -8.94 -3.70 6.10
N TYR A 233 -8.40 -2.61 5.55
CA TYR A 233 -8.48 -1.26 6.12
C TYR A 233 -9.04 -0.31 5.09
N MET A 234 -10.15 0.34 5.37
CA MET A 234 -10.82 1.23 4.42
C MET A 234 -10.73 2.65 4.94
N LEU A 235 -9.89 3.49 4.30
CA LEU A 235 -9.68 4.89 4.70
C LEU A 235 -10.82 5.77 4.14
N MET A 236 -11.69 6.29 5.02
CA MET A 236 -12.83 7.07 4.60
C MET A 236 -12.86 8.44 5.22
N GLU A 237 -13.70 9.33 4.67
CA GLU A 237 -13.84 10.68 5.23
C GLU A 237 -14.48 10.59 6.60
N ALA A 238 -14.01 11.44 7.53
CA ALA A 238 -14.50 11.45 8.90
C ALA A 238 -15.73 12.35 9.00
N CYS A 239 -16.91 11.73 9.16
CA CYS A 239 -18.21 12.41 9.34
C CYS A 239 -18.47 12.38 10.84
N LEU A 240 -18.01 13.44 11.53
CA LEU A 240 -18.04 13.54 12.99
C LEU A 240 -19.35 14.07 13.63
N GLY A 241 -20.42 14.17 12.85
CA GLY A 241 -21.73 14.61 13.35
C GLY A 241 -22.35 13.62 14.32
N GLY A 242 -22.08 12.34 14.12
CA GLY A 242 -22.55 11.28 14.98
C GLY A 242 -23.30 10.28 14.13
N GLU A 243 -23.66 9.10 14.68
CA GLU A 243 -24.44 8.11 13.92
C GLU A 243 -25.96 8.49 13.90
N LEU A 244 -26.66 8.34 12.74
CA LEU A 244 -28.09 8.66 12.73
C LEU A 244 -28.89 7.71 13.64
N TRP A 245 -28.54 6.42 13.72
CA TRP A 245 -29.25 5.48 14.57
C TRP A 245 -29.09 5.76 16.09
N THR A 246 -27.94 6.34 16.51
CA THR A 246 -27.74 6.73 17.91
C THR A 246 -28.52 8.01 18.21
N ILE A 247 -28.78 8.85 17.21
CA ILE A 247 -29.53 10.09 17.42
C ILE A 247 -31.02 9.72 17.54
N LEU A 248 -31.50 8.84 16.64
CA LEU A 248 -32.88 8.37 16.64
C LEU A 248 -33.13 7.61 17.93
N ARG A 249 -32.18 6.78 18.37
CA ARG A 249 -32.31 6.03 19.63
C ARG A 249 -32.63 7.01 20.77
N ASP A 250 -31.74 8.00 20.94
CA ASP A 250 -31.81 9.01 22.01
C ASP A 250 -33.05 9.89 21.94
N ARG A 251 -33.59 10.12 20.74
CA ARG A 251 -34.76 10.99 20.52
C ARG A 251 -36.11 10.29 20.32
N GLY A 252 -36.09 8.97 20.04
CA GLY A 252 -37.28 8.18 19.79
C GLY A 252 -37.76 8.29 18.37
N SER A 253 -38.28 9.47 18.03
CA SER A 253 -38.77 9.82 16.70
C SER A 253 -38.21 11.18 16.29
N PHE A 254 -38.34 11.51 15.00
CA PHE A 254 -37.93 12.79 14.43
C PHE A 254 -39.14 13.61 13.98
N GLU A 255 -39.03 14.95 14.17
CA GLU A 255 -40.05 15.94 13.82
C GLU A 255 -40.22 15.91 12.28
N ASP A 256 -41.44 16.18 11.77
CA ASP A 256 -41.73 16.11 10.33
C ASP A 256 -40.66 16.74 9.43
N SER A 257 -40.30 18.00 9.72
CA SER A 257 -39.31 18.77 8.95
C SER A 257 -37.87 18.22 9.06
N THR A 258 -37.52 17.55 10.19
CA THR A 258 -36.21 16.92 10.40
C THR A 258 -36.05 15.75 9.42
N THR A 259 -37.06 14.86 9.37
CA THR A 259 -37.11 13.70 8.47
C THR A 259 -37.03 14.15 7.00
N ARG A 260 -37.70 15.26 6.65
CA ARG A 260 -37.69 15.83 5.31
C ARG A 260 -36.27 16.11 4.87
N PHE A 261 -35.42 16.63 5.78
CA PHE A 261 -34.04 16.97 5.48
C PHE A 261 -33.19 15.70 5.25
N TYR A 262 -33.34 14.70 6.12
CA TYR A 262 -32.58 13.45 5.97
C TYR A 262 -33.08 12.63 4.77
N THR A 263 -34.40 12.66 4.48
CA THR A 263 -34.96 11.96 3.32
C THR A 263 -34.40 12.59 2.07
N ALA A 264 -34.36 13.93 2.05
CA ALA A 264 -33.82 14.70 0.94
C ALA A 264 -32.36 14.35 0.65
N CYS A 265 -31.54 14.16 1.70
CA CYS A 265 -30.13 13.77 1.56
C CYS A 265 -30.02 12.42 0.87
N VAL A 266 -30.88 11.49 1.29
CA VAL A 266 -30.94 10.15 0.70
C VAL A 266 -31.38 10.27 -0.75
N VAL A 267 -32.45 11.07 -1.00
CA VAL A 267 -32.99 11.28 -2.35
C VAL A 267 -31.90 11.74 -3.32
N GLU A 268 -30.93 12.56 -2.85
CA GLU A 268 -29.86 13.04 -3.72
C GLU A 268 -28.86 11.93 -3.94
N ALA A 269 -28.54 11.16 -2.85
CA ALA A 269 -27.64 10.01 -2.96
C ALA A 269 -28.20 9.04 -3.99
N PHE A 270 -29.49 8.75 -3.90
CA PHE A 270 -30.15 7.88 -4.86
C PHE A 270 -30.19 8.49 -6.28
N ALA A 271 -30.32 9.82 -6.43
CA ALA A 271 -30.28 10.42 -7.77
C ALA A 271 -28.93 10.14 -8.39
N TYR A 272 -27.87 10.36 -7.63
CA TYR A 272 -26.50 10.11 -8.06
C TYR A 272 -26.24 8.63 -8.41
N LEU A 273 -26.51 7.71 -7.45
CA LEU A 273 -26.28 6.28 -7.63
C LEU A 273 -27.07 5.72 -8.79
N HIS A 274 -28.37 6.05 -8.89
CA HIS A 274 -29.23 5.55 -9.95
C HIS A 274 -28.83 6.09 -11.32
N SER A 275 -28.23 7.31 -11.39
CA SER A 275 -27.73 7.88 -12.66
C SER A 275 -26.55 7.08 -13.25
N LYS A 276 -25.85 6.30 -12.42
CA LYS A 276 -24.71 5.46 -12.80
C LYS A 276 -25.08 3.97 -12.84
N GLY A 277 -26.36 3.65 -12.66
CA GLY A 277 -26.87 2.27 -12.70
C GLY A 277 -26.48 1.45 -11.50
N ILE A 278 -26.42 2.07 -10.30
CA ILE A 278 -26.08 1.33 -9.09
C ILE A 278 -27.28 1.25 -8.19
N ILE A 279 -27.62 0.03 -7.71
CA ILE A 279 -28.70 -0.22 -6.73
C ILE A 279 -27.99 -0.30 -5.34
N TYR A 280 -28.53 0.37 -4.33
CA TYR A 280 -27.96 0.45 -2.98
C TYR A 280 -28.38 -0.72 -2.08
N ARG A 281 -29.70 -0.98 -2.00
CA ARG A 281 -30.33 -2.03 -1.20
C ARG A 281 -30.35 -1.86 0.34
N ASP A 282 -29.19 -1.68 0.98
CA ASP A 282 -29.07 -1.69 2.45
C ASP A 282 -29.60 -0.43 3.22
N LEU A 283 -30.61 0.31 2.71
CA LEU A 283 -31.07 1.50 3.43
C LEU A 283 -31.80 1.15 4.74
N LYS A 284 -31.41 1.85 5.81
CA LYS A 284 -31.93 1.74 7.18
C LYS A 284 -31.14 2.82 7.97
N PRO A 285 -31.58 3.27 9.15
CA PRO A 285 -30.86 4.39 9.82
C PRO A 285 -29.38 4.12 10.19
N GLU A 286 -29.01 2.83 10.25
CA GLU A 286 -27.65 2.44 10.55
C GLU A 286 -26.69 2.70 9.36
N ASN A 287 -27.25 2.98 8.14
CA ASN A 287 -26.49 3.30 6.93
C ASN A 287 -26.32 4.82 6.67
N LEU A 288 -26.86 5.68 7.57
CA LEU A 288 -26.74 7.14 7.47
C LEU A 288 -25.92 7.73 8.62
N ILE A 289 -24.97 8.63 8.27
CA ILE A 289 -24.08 9.29 9.24
C ILE A 289 -24.04 10.78 8.96
N LEU A 290 -24.18 11.62 9.99
CA LEU A 290 -24.10 13.06 9.82
C LEU A 290 -22.64 13.54 9.87
N ASP A 291 -22.31 14.60 9.13
CA ASP A 291 -20.96 15.17 9.19
C ASP A 291 -20.99 16.28 10.25
N HIS A 292 -19.87 16.99 10.46
CA HIS A 292 -19.80 18.08 11.45
C HIS A 292 -20.89 19.18 11.25
N ARG A 293 -21.31 19.43 10.00
CA ARG A 293 -22.32 20.45 9.69
C ARG A 293 -23.74 20.01 10.09
N GLY A 294 -23.99 18.70 10.17
CA GLY A 294 -25.30 18.12 10.45
C GLY A 294 -26.00 17.59 9.20
N TYR A 295 -25.21 17.38 8.11
CA TYR A 295 -25.69 16.84 6.83
C TYR A 295 -25.49 15.32 6.83
N ALA A 296 -26.47 14.52 6.31
CA ALA A 296 -26.38 13.06 6.30
C ALA A 296 -25.69 12.47 5.03
N LYS A 297 -24.88 11.37 5.20
CA LYS A 297 -24.21 10.69 4.08
C LYS A 297 -24.45 9.18 4.14
N LEU A 298 -24.54 8.51 2.96
CA LEU A 298 -24.69 7.05 2.91
C LEU A 298 -23.33 6.42 3.11
N VAL A 299 -23.21 5.52 4.10
CA VAL A 299 -21.99 4.77 4.39
C VAL A 299 -22.37 3.28 4.17
N ASP A 300 -21.42 2.34 4.04
N ASP A 300 -21.39 2.40 3.99
CA ASP A 300 -21.70 0.91 3.84
CA ASP A 300 -21.59 0.96 3.81
C ASP A 300 -22.32 0.60 2.47
C ASP A 300 -22.29 0.62 2.48
N PHE A 301 -21.51 0.12 1.53
CA PHE A 301 -21.95 -0.28 0.19
C PHE A 301 -21.75 -1.80 0.02
N GLY A 302 -22.16 -2.55 1.06
CA GLY A 302 -22.04 -4.00 1.11
C GLY A 302 -23.00 -4.68 0.15
N PHE A 303 -24.29 -4.28 0.20
CA PHE A 303 -25.31 -4.81 -0.71
C PHE A 303 -25.47 -4.00 -1.98
N ALA A 304 -24.71 -2.91 -2.17
CA ALA A 304 -24.80 -2.12 -3.41
C ALA A 304 -24.34 -2.95 -4.63
N LYS A 305 -24.94 -2.71 -5.82
CA LYS A 305 -24.64 -3.47 -7.04
C LYS A 305 -24.75 -2.62 -8.31
N LYS A 306 -23.82 -2.88 -9.27
CA LYS A 306 -23.78 -2.22 -10.57
C LYS A 306 -24.65 -3.07 -11.49
N ILE A 307 -25.76 -2.49 -11.97
CA ILE A 307 -26.72 -3.20 -12.81
C ILE A 307 -26.74 -2.63 -14.25
N GLY A 308 -26.89 -3.53 -15.21
CA GLY A 308 -26.94 -3.16 -16.61
C GLY A 308 -28.22 -2.41 -16.93
N PHE A 309 -28.14 -1.48 -17.90
CA PHE A 309 -29.33 -0.76 -18.28
C PHE A 309 -30.28 -1.82 -18.90
N GLY A 310 -31.45 -1.98 -18.28
CA GLY A 310 -32.45 -2.96 -18.68
C GLY A 310 -32.31 -4.32 -18.06
N LYS A 311 -31.50 -4.44 -17.00
CA LYS A 311 -31.25 -5.67 -16.30
C LYS A 311 -31.80 -5.58 -14.85
N LYS A 312 -32.05 -6.75 -14.23
CA LYS A 312 -32.52 -6.88 -12.84
C LYS A 312 -31.57 -7.83 -12.13
N THR A 313 -31.71 -7.93 -10.78
CA THR A 313 -30.98 -8.90 -9.95
C THR A 313 -31.94 -9.81 -9.23
N TRP A 314 -31.37 -10.89 -8.69
CA TRP A 314 -32.16 -11.97 -8.11
C TRP A 314 -31.73 -12.32 -6.68
N TPO A 315 -30.54 -11.83 -6.22
CA TPO A 315 -29.98 -12.10 -4.90
CB TPO A 315 -28.56 -11.84 -4.34
CG2 TPO A 315 -27.66 -13.10 -4.49
OG1 TPO A 315 -27.98 -10.66 -4.90
P TPO A 315 -27.21 -10.60 -6.23
O1P TPO A 315 -27.89 -9.34 -6.67
O2P TPO A 315 -27.53 -11.50 -7.47
O3P TPO A 315 -25.73 -10.42 -5.93
C TPO A 315 -30.90 -11.67 -3.78
O TPO A 315 -31.24 -10.51 -3.63
N PHE A 316 -31.30 -12.65 -2.97
CA PHE A 316 -32.17 -12.40 -1.83
C PHE A 316 -31.22 -11.97 -0.71
N CYS A 317 -31.36 -10.72 -0.25
CA CYS A 317 -30.49 -10.17 0.78
C CYS A 317 -31.19 -8.99 1.48
N GLY A 318 -30.59 -8.53 2.58
CA GLY A 318 -31.09 -7.39 3.34
C GLY A 318 -31.78 -7.77 4.63
N THR A 319 -31.91 -6.78 5.52
CA THR A 319 -32.57 -6.94 6.81
C THR A 319 -34.07 -7.11 6.54
N PRO A 320 -34.74 -8.18 7.03
CA PRO A 320 -36.15 -8.42 6.67
C PRO A 320 -37.11 -7.23 6.65
N GLU A 321 -37.01 -6.34 7.66
CA GLU A 321 -37.87 -5.16 7.79
C GLU A 321 -37.84 -4.20 6.58
N TYR A 322 -36.69 -4.15 5.85
CA TYR A 322 -36.46 -3.25 4.72
C TYR A 322 -36.49 -3.90 3.32
N VAL A 323 -36.64 -5.24 3.25
CA VAL A 323 -36.67 -5.97 1.98
C VAL A 323 -37.99 -5.65 1.27
N ALA A 324 -37.91 -5.49 -0.08
CA ALA A 324 -39.05 -5.15 -0.93
C ALA A 324 -39.81 -6.41 -1.37
N PRO A 325 -41.09 -6.30 -1.80
CA PRO A 325 -41.83 -7.50 -2.25
C PRO A 325 -41.18 -8.31 -3.40
N GLU A 326 -40.63 -7.63 -4.41
CA GLU A 326 -39.98 -8.28 -5.55
C GLU A 326 -38.69 -9.03 -5.16
N ILE A 327 -38.07 -8.66 -4.02
CA ILE A 327 -36.88 -9.35 -3.51
C ILE A 327 -37.35 -10.63 -2.83
N ILE A 328 -38.39 -10.53 -1.99
CA ILE A 328 -38.96 -11.68 -1.28
C ILE A 328 -39.52 -12.68 -2.27
N LEU A 329 -40.35 -12.20 -3.19
CA LEU A 329 -40.98 -13.05 -4.20
C LEU A 329 -40.00 -13.62 -5.23
N ASN A 330 -38.73 -13.21 -5.19
CA ASN A 330 -37.67 -13.66 -6.06
C ASN A 330 -37.99 -13.49 -7.53
N LYS A 331 -38.66 -12.37 -7.84
CA LYS A 331 -38.92 -11.94 -9.21
C LYS A 331 -37.61 -11.15 -9.49
N GLY A 332 -37.60 -10.24 -10.42
CA GLY A 332 -36.38 -9.44 -10.55
C GLY A 332 -36.44 -8.25 -9.63
N HIS A 333 -35.30 -7.67 -9.25
CA HIS A 333 -35.32 -6.38 -8.56
C HIS A 333 -34.27 -5.44 -9.25
N ASP A 334 -34.57 -4.13 -9.27
CA ASP A 334 -33.74 -3.08 -9.89
C ASP A 334 -33.66 -1.85 -8.96
N ILE A 335 -33.20 -0.70 -9.52
CA ILE A 335 -33.10 0.58 -8.81
C ILE A 335 -34.37 0.92 -8.01
N SER A 336 -35.57 0.63 -8.57
CA SER A 336 -36.85 0.94 -7.91
C SER A 336 -37.08 0.25 -6.56
N ALA A 337 -36.24 -0.74 -6.22
CA ALA A 337 -36.25 -1.39 -4.93
C ALA A 337 -35.83 -0.36 -3.87
N ASP A 338 -34.94 0.59 -4.25
CA ASP A 338 -34.45 1.63 -3.34
C ASP A 338 -35.53 2.61 -2.95
N TYR A 339 -36.53 2.83 -3.83
CA TYR A 339 -37.65 3.74 -3.57
C TYR A 339 -38.58 3.14 -2.55
N TRP A 340 -38.68 1.79 -2.48
CA TRP A 340 -39.41 1.11 -1.43
C TRP A 340 -38.70 1.50 -0.11
N SER A 341 -37.36 1.36 -0.06
CA SER A 341 -36.57 1.68 1.14
C SER A 341 -36.81 3.10 1.71
N LEU A 342 -37.03 4.13 0.82
CA LEU A 342 -37.28 5.53 1.23
C LEU A 342 -38.54 5.61 2.07
N GLY A 343 -39.61 4.96 1.62
CA GLY A 343 -40.86 4.93 2.37
C GLY A 343 -40.73 4.22 3.72
N ILE A 344 -39.84 3.19 3.81
CA ILE A 344 -39.64 2.49 5.10
C ILE A 344 -38.88 3.43 6.06
N LEU A 345 -37.74 4.00 5.57
CA LEU A 345 -36.91 4.95 6.31
C LEU A 345 -37.78 6.09 6.85
N MET A 346 -38.55 6.73 5.96
CA MET A 346 -39.48 7.80 6.35
C MET A 346 -40.36 7.40 7.51
N TYR A 347 -41.09 6.27 7.37
CA TYR A 347 -42.02 5.73 8.38
C TYR A 347 -41.30 5.50 9.72
N GLU A 348 -40.08 4.94 9.67
CA GLU A 348 -39.29 4.69 10.88
C GLU A 348 -38.79 5.98 11.53
N LEU A 349 -38.31 6.95 10.74
CA LEU A 349 -37.77 8.19 11.31
C LEU A 349 -38.85 9.00 12.04
N LEU A 350 -40.08 9.00 11.51
CA LEU A 350 -41.23 9.72 12.09
C LEU A 350 -41.83 9.03 13.30
N THR A 351 -41.70 7.69 13.44
CA THR A 351 -42.32 6.91 14.54
C THR A 351 -41.36 6.13 15.45
N GLY A 352 -40.12 5.91 15.02
CA GLY A 352 -39.14 5.13 15.76
C GLY A 352 -39.05 3.66 15.38
N SER A 353 -39.98 3.14 14.54
CA SER A 353 -40.02 1.72 14.12
C SER A 353 -40.53 1.55 12.68
N PRO A 354 -40.11 0.51 11.91
CA PRO A 354 -40.66 0.34 10.56
C PRO A 354 -42.10 -0.20 10.55
N PRO A 355 -42.79 -0.10 9.39
CA PRO A 355 -44.20 -0.55 9.35
C PRO A 355 -44.39 -2.06 9.33
N PHE A 356 -43.36 -2.84 8.99
CA PHE A 356 -43.49 -4.29 8.92
C PHE A 356 -42.42 -5.01 9.76
N SER A 357 -42.85 -5.87 10.72
CA SER A 357 -41.94 -6.68 11.51
C SER A 357 -42.72 -7.78 12.24
N GLY A 358 -42.22 -9.02 12.14
CA GLY A 358 -42.76 -10.20 12.82
C GLY A 358 -41.74 -10.84 13.75
N PRO A 359 -42.08 -11.97 14.41
CA PRO A 359 -41.12 -12.59 15.35
C PRO A 359 -39.90 -13.29 14.75
N ASP A 360 -39.84 -13.43 13.41
CA ASP A 360 -38.70 -13.99 12.70
C ASP A 360 -38.72 -13.45 11.26
N PRO A 361 -37.66 -13.69 10.45
CA PRO A 361 -37.66 -13.20 9.05
C PRO A 361 -38.91 -13.56 8.23
N MET A 362 -39.34 -14.80 8.35
CA MET A 362 -40.48 -15.33 7.63
C MET A 362 -41.77 -14.57 7.90
N LYS A 363 -42.10 -14.34 9.18
CA LYS A 363 -43.30 -13.61 9.55
C LYS A 363 -43.13 -12.13 9.18
N THR A 364 -41.91 -11.55 9.25
CA THR A 364 -41.67 -10.18 8.76
C THR A 364 -42.01 -10.14 7.28
N TYR A 365 -41.58 -11.16 6.48
CA TYR A 365 -41.88 -11.22 5.03
C TYR A 365 -43.38 -11.36 4.76
N ASN A 366 -44.14 -12.03 5.63
CA ASN A 366 -45.59 -12.18 5.44
C ASN A 366 -46.41 -10.89 5.59
N ILE A 367 -45.97 -9.92 6.42
CA ILE A 367 -46.70 -8.67 6.62
C ILE A 367 -46.22 -7.62 5.53
N ILE A 368 -45.01 -7.82 4.99
CA ILE A 368 -44.48 -7.03 3.87
C ILE A 368 -45.24 -7.35 2.58
N LEU A 369 -45.55 -8.63 2.31
CA LEU A 369 -46.25 -8.97 1.07
C LEU A 369 -47.72 -8.55 1.18
N ARG A 370 -48.22 -8.27 2.42
CA ARG A 370 -49.58 -7.77 2.60
C ARG A 370 -49.69 -6.35 2.11
N GLY A 371 -48.58 -5.61 2.18
CA GLY A 371 -48.44 -4.26 1.64
C GLY A 371 -48.78 -3.12 2.57
N ILE A 372 -48.35 -1.92 2.16
CA ILE A 372 -48.52 -0.65 2.87
C ILE A 372 -50.01 -0.23 3.02
N ASP A 373 -50.89 -0.73 2.15
CA ASP A 373 -52.32 -0.41 2.20
C ASP A 373 -53.01 -1.02 3.42
N MET A 374 -52.45 -2.11 3.97
CA MET A 374 -53.01 -2.78 5.16
C MET A 374 -52.59 -2.10 6.46
N ILE A 375 -51.52 -1.29 6.43
CA ILE A 375 -50.98 -0.65 7.61
C ILE A 375 -51.89 0.49 8.07
N GLU A 376 -52.19 0.53 9.38
CA GLU A 376 -52.96 1.60 9.98
C GLU A 376 -51.92 2.62 10.47
N PHE A 377 -51.64 3.62 9.62
CA PHE A 377 -50.62 4.64 9.86
C PHE A 377 -50.86 5.41 11.17
N PRO A 378 -49.86 5.55 12.08
CA PRO A 378 -50.09 6.31 13.31
C PRO A 378 -50.52 7.73 13.06
N LYS A 379 -51.23 8.28 14.04
CA LYS A 379 -51.75 9.64 13.99
C LYS A 379 -50.61 10.69 13.88
N LYS A 380 -49.40 10.33 14.39
CA LYS A 380 -48.16 11.14 14.33
C LYS A 380 -47.69 11.37 12.86
N ILE A 381 -48.03 10.46 11.92
CA ILE A 381 -47.63 10.67 10.53
C ILE A 381 -48.62 11.64 9.89
N ALA A 382 -48.08 12.71 9.24
CA ALA A 382 -48.82 13.78 8.57
C ALA A 382 -49.40 13.31 7.24
N LYS A 383 -50.58 13.82 6.84
CA LYS A 383 -51.25 13.40 5.59
C LYS A 383 -50.32 13.36 4.38
N ASN A 384 -49.50 14.42 4.18
CA ASN A 384 -48.53 14.55 3.07
C ASN A 384 -47.41 13.51 3.14
N ALA A 385 -46.94 13.22 4.37
CA ALA A 385 -45.87 12.24 4.63
C ALA A 385 -46.40 10.84 4.33
N ALA A 386 -47.64 10.54 4.80
CA ALA A 386 -48.31 9.26 4.58
C ALA A 386 -48.58 9.06 3.10
N ASN A 387 -48.99 10.13 2.42
CA ASN A 387 -49.25 10.10 0.97
C ASN A 387 -48.04 9.60 0.19
N LEU A 388 -46.84 10.09 0.59
CA LEU A 388 -45.57 9.79 -0.06
C LEU A 388 -45.12 8.36 0.24
N ILE A 389 -45.31 7.91 1.50
CA ILE A 389 -44.93 6.56 1.93
C ILE A 389 -45.77 5.54 1.16
N LYS A 390 -47.08 5.80 1.02
CA LYS A 390 -47.99 4.90 0.29
C LYS A 390 -47.64 4.81 -1.23
N LYS A 391 -47.11 5.91 -1.80
CA LYS A 391 -46.72 5.97 -3.22
C LYS A 391 -45.34 5.36 -3.45
N LEU A 392 -44.47 5.45 -2.43
CA LEU A 392 -43.10 4.91 -2.48
C LEU A 392 -43.10 3.42 -2.25
N CYS A 393 -44.00 2.93 -1.38
CA CYS A 393 -44.07 1.52 -1.04
C CYS A 393 -45.25 0.83 -1.70
N ARG A 394 -45.38 0.97 -3.02
CA ARG A 394 -46.40 0.25 -3.80
C ARG A 394 -45.79 -1.13 -4.16
N ASP A 395 -46.65 -2.17 -4.26
CA ASP A 395 -46.26 -3.56 -4.54
C ASP A 395 -45.56 -3.71 -5.88
N ASN A 396 -46.23 -3.30 -6.99
CA ASN A 396 -45.64 -3.38 -8.32
C ASN A 396 -44.51 -2.34 -8.41
N PRO A 397 -43.25 -2.76 -8.65
CA PRO A 397 -42.16 -1.77 -8.76
C PRO A 397 -42.31 -0.77 -9.90
N SER A 398 -43.02 -1.15 -11.00
CA SER A 398 -43.28 -0.30 -12.17
C SER A 398 -44.14 0.92 -11.84
N GLU A 399 -45.09 0.78 -10.89
CA GLU A 399 -46.01 1.86 -10.46
C GLU A 399 -45.42 2.78 -9.38
N ARG A 400 -44.29 2.40 -8.79
CA ARG A 400 -43.63 3.08 -7.66
C ARG A 400 -43.08 4.49 -8.02
N LEU A 401 -43.34 5.49 -7.14
CA LEU A 401 -42.85 6.90 -7.29
C LEU A 401 -41.33 6.90 -7.28
N GLY A 402 -40.73 7.53 -8.28
CA GLY A 402 -39.28 7.51 -8.50
C GLY A 402 -38.96 6.67 -9.74
N ASN A 403 -39.81 5.66 -10.06
CA ASN A 403 -39.66 4.80 -11.22
C ASN A 403 -40.77 5.10 -12.25
N LEU A 404 -41.09 6.39 -12.42
CA LEU A 404 -42.12 6.84 -13.36
C LEU A 404 -41.47 7.69 -14.48
N LYS A 405 -42.18 8.63 -15.13
CA LYS A 405 -41.60 9.37 -16.25
C LYS A 405 -40.41 10.21 -15.90
N ASN A 406 -40.57 11.10 -14.93
CA ASN A 406 -39.49 12.00 -14.54
C ASN A 406 -38.49 11.39 -13.57
N GLY A 407 -38.72 10.14 -13.14
CA GLY A 407 -37.80 9.46 -12.26
C GLY A 407 -37.78 10.08 -10.87
N VAL A 408 -36.57 10.39 -10.38
CA VAL A 408 -36.38 10.95 -9.03
C VAL A 408 -37.07 12.29 -8.86
N LYS A 409 -37.18 13.07 -9.95
CA LYS A 409 -37.85 14.37 -9.93
C LYS A 409 -39.29 14.26 -9.43
N ASP A 410 -40.04 13.19 -9.79
CA ASP A 410 -41.41 12.99 -9.30
C ASP A 410 -41.49 12.97 -7.75
N ILE A 411 -40.45 12.42 -7.07
CA ILE A 411 -40.35 12.41 -5.59
C ILE A 411 -40.02 13.82 -5.06
N GLN A 412 -39.14 14.55 -5.77
CA GLN A 412 -38.75 15.92 -5.41
C GLN A 412 -39.93 16.89 -5.58
N LYS A 413 -40.81 16.58 -6.55
CA LYS A 413 -41.99 17.38 -6.81
C LYS A 413 -43.22 17.02 -5.89
N HIS A 414 -43.08 16.08 -4.92
CA HIS A 414 -44.22 15.70 -4.08
C HIS A 414 -44.63 16.85 -3.17
N LYS A 415 -45.96 16.89 -2.83
CA LYS A 415 -46.58 17.89 -1.94
C LYS A 415 -45.83 18.02 -0.60
N TRP A 416 -45.20 16.92 -0.08
CA TRP A 416 -44.43 16.90 1.18
C TRP A 416 -43.19 17.81 1.07
N PHE A 417 -42.56 17.89 -0.11
CA PHE A 417 -41.41 18.78 -0.33
C PHE A 417 -41.77 20.24 -0.77
N GLU A 418 -43.07 20.62 -0.64
CA GLU A 418 -43.51 21.97 -0.96
C GLU A 418 -42.91 22.89 0.09
N GLY A 419 -42.00 23.76 -0.38
CA GLY A 419 -41.25 24.70 0.45
C GLY A 419 -39.85 24.24 0.78
N PHE A 420 -39.39 23.11 0.17
CA PHE A 420 -38.07 22.53 0.45
C PHE A 420 -37.05 23.05 -0.56
N ASN A 421 -35.98 23.66 -0.07
CA ASN A 421 -34.96 24.24 -0.93
C ASN A 421 -33.98 23.19 -1.45
N TRP A 422 -34.37 22.46 -2.49
CA TRP A 422 -33.52 21.42 -3.09
C TRP A 422 -32.16 21.93 -3.58
N GLU A 423 -32.10 23.19 -4.06
CA GLU A 423 -30.83 23.77 -4.53
C GLU A 423 -29.97 24.18 -3.32
N GLY A 424 -30.61 24.65 -2.25
CA GLY A 424 -29.93 24.99 -1.01
C GLY A 424 -29.15 23.80 -0.49
N LEU A 425 -29.81 22.63 -0.49
CA LEU A 425 -29.22 21.36 -0.06
C LEU A 425 -28.02 21.00 -0.92
N ARG A 426 -28.17 21.02 -2.26
CA ARG A 426 -27.08 20.71 -3.20
C ARG A 426 -25.93 21.71 -3.12
N LYS A 427 -26.26 23.00 -2.94
CA LYS A 427 -25.30 24.07 -2.77
C LYS A 427 -24.61 23.97 -1.38
N GLY A 428 -25.27 23.37 -0.39
CA GLY A 428 -24.79 23.20 0.97
C GLY A 428 -25.08 24.42 1.83
N THR A 429 -26.08 25.23 1.45
CA THR A 429 -26.44 26.45 2.19
C THR A 429 -27.68 26.28 3.06
N LEU A 430 -28.34 25.12 2.98
CA LEU A 430 -29.54 24.82 3.75
C LEU A 430 -29.15 24.54 5.19
N THR A 431 -29.82 25.16 6.16
CA THR A 431 -29.51 24.95 7.57
C THR A 431 -30.11 23.61 8.01
N PRO A 432 -29.31 22.61 8.47
CA PRO A 432 -29.91 21.32 8.92
C PRO A 432 -30.81 21.39 10.17
N PRO A 433 -31.54 20.29 10.48
CA PRO A 433 -32.43 20.29 11.67
C PRO A 433 -31.72 20.18 13.03
N ILE A 434 -30.72 19.29 13.14
CA ILE A 434 -29.91 19.09 14.34
C ILE A 434 -28.49 19.49 13.94
N ILE A 435 -27.91 20.47 14.67
CA ILE A 435 -26.57 21.02 14.41
C ILE A 435 -25.53 20.42 15.38
N PRO A 436 -24.63 19.52 14.91
CA PRO A 436 -23.65 18.92 15.82
C PRO A 436 -22.56 19.87 16.31
N SER A 437 -22.16 19.69 17.58
CA SER A 437 -21.08 20.45 18.18
C SER A 437 -19.81 19.62 17.96
N VAL A 438 -18.95 20.05 17.02
CA VAL A 438 -17.68 19.39 16.70
C VAL A 438 -16.57 20.45 16.89
N ALA A 439 -15.84 20.36 18.03
CA ALA A 439 -14.78 21.26 18.43
C ALA A 439 -13.52 21.23 17.54
N SER A 440 -13.14 20.06 17.01
CA SER A 440 -11.94 19.91 16.20
C SER A 440 -12.00 18.60 15.45
N PRO A 441 -11.12 18.38 14.42
CA PRO A 441 -11.11 17.06 13.71
C PRO A 441 -11.00 15.81 14.59
N THR A 442 -10.37 15.89 15.78
CA THR A 442 -10.23 14.76 16.72
C THR A 442 -11.41 14.60 17.72
N ASP A 443 -12.44 15.47 17.66
CA ASP A 443 -13.57 15.44 18.59
C ASP A 443 -14.55 14.35 18.25
N THR A 444 -14.58 13.26 19.05
CA THR A 444 -15.50 12.13 18.88
C THR A 444 -16.61 12.16 19.95
N SER A 445 -17.02 13.36 20.42
CA SER A 445 -18.04 13.51 21.46
C SER A 445 -19.51 13.21 21.02
N ASN A 446 -19.79 13.04 19.69
CA ASN A 446 -21.15 12.73 19.20
C ASN A 446 -21.33 11.20 18.94
N PHE A 447 -20.30 10.40 19.31
CA PHE A 447 -20.28 8.94 19.19
C PHE A 447 -20.27 8.34 20.57
N ASP A 448 -20.67 7.07 20.66
CA ASP A 448 -20.64 6.34 21.92
C ASP A 448 -19.21 5.92 22.22
N SER A 449 -18.91 5.61 23.48
CA SER A 449 -17.56 5.19 23.89
C SER A 449 -17.54 3.66 23.96
N PHE A 450 -16.58 3.01 23.25
CA PHE A 450 -16.40 1.56 23.21
C PHE A 450 -15.01 1.26 23.80
N PRO A 451 -14.87 0.18 24.60
CA PRO A 451 -13.55 -0.15 25.15
C PRO A 451 -12.64 -0.78 24.09
N GLU A 452 -11.32 -0.83 24.39
CA GLU A 452 -10.35 -1.45 23.48
C GLU A 452 -10.54 -2.97 23.48
N ASP A 453 -10.32 -3.62 22.32
CA ASP A 453 -10.47 -5.07 22.19
C ASP A 453 -9.34 -5.77 22.90
N ASN A 454 -9.70 -6.67 23.83
CA ASN A 454 -8.77 -7.45 24.64
C ASN A 454 -8.41 -8.75 23.95
N ASP A 455 -9.38 -9.30 23.20
CA ASP A 455 -9.27 -10.59 22.54
C ASP A 455 -8.12 -10.69 21.56
N GLU A 456 -7.70 -11.93 21.31
CA GLU A 456 -6.60 -12.21 20.41
C GLU A 456 -7.02 -11.92 18.97
N PRO A 457 -6.04 -11.62 18.11
CA PRO A 457 -6.34 -11.31 16.70
C PRO A 457 -6.81 -12.53 15.91
N PRO A 458 -7.56 -12.34 14.81
CA PRO A 458 -8.08 -13.50 14.07
C PRO A 458 -7.01 -14.22 13.28
N PRO A 459 -7.27 -15.39 12.67
CA PRO A 459 -6.20 -16.06 11.91
C PRO A 459 -5.71 -15.25 10.71
N ASP A 460 -4.52 -15.58 10.21
CA ASP A 460 -3.99 -14.98 8.99
C ASP A 460 -4.79 -15.60 7.84
N ASP A 461 -4.82 -14.93 6.69
CA ASP A 461 -5.50 -15.44 5.49
C ASP A 461 -4.77 -14.90 4.29
N ASN A 462 -3.94 -15.74 3.66
CA ASN A 462 -3.15 -15.32 2.50
C ASN A 462 -3.59 -16.12 1.28
N SER A 463 -4.93 -16.23 1.12
CA SER A 463 -5.55 -16.99 0.03
C SER A 463 -5.44 -16.26 -1.31
N GLY A 464 -5.36 -14.92 -1.28
CA GLY A 464 -5.20 -14.11 -2.48
C GLY A 464 -6.44 -13.46 -3.03
N TRP A 465 -7.57 -13.53 -2.34
CA TRP A 465 -8.79 -12.85 -2.81
C TRP A 465 -8.61 -11.35 -2.51
N ASP A 466 -7.86 -11.04 -1.42
CA ASP A 466 -7.55 -9.67 -1.03
C ASP A 466 -6.61 -8.90 -2.01
N ILE A 467 -5.97 -9.58 -3.01
CA ILE A 467 -5.08 -9.02 -4.05
C ILE A 467 -5.35 -7.52 -4.47
N ASP A 468 -6.62 -7.15 -4.72
CA ASP A 468 -6.99 -5.79 -5.14
C ASP A 468 -6.83 -4.70 -4.08
N PHE A 469 -6.89 -5.07 -2.80
CA PHE A 469 -6.89 -4.11 -1.68
C PHE A 469 -5.53 -3.48 -1.42
N GLY B 3 -3.60 -5.93 -35.29
CA GLY B 3 -5.06 -5.85 -35.43
C GLY B 3 -5.80 -5.60 -34.13
N LEU B 4 -7.14 -5.40 -34.21
CA LEU B 4 -7.98 -5.13 -33.02
C LEU B 4 -8.39 -6.43 -32.32
N ILE B 5 -8.82 -7.43 -33.13
CA ILE B 5 -9.25 -8.77 -32.69
C ILE B 5 -8.06 -9.46 -32.08
N LYS B 6 -6.89 -9.42 -32.79
CA LYS B 6 -5.66 -10.09 -32.35
C LYS B 6 -5.11 -9.47 -31.07
N HIS B 7 -5.04 -8.12 -30.99
CA HIS B 7 -4.59 -7.42 -29.78
C HIS B 7 -5.36 -7.92 -28.54
N THR B 8 -6.71 -8.02 -28.65
CA THR B 8 -7.55 -8.50 -27.54
C THR B 8 -7.20 -9.93 -27.09
N GLU B 9 -6.90 -10.83 -28.04
CA GLU B 9 -6.54 -12.21 -27.72
C GLU B 9 -5.25 -12.28 -26.94
N TYR B 10 -4.26 -11.45 -27.28
CA TYR B 10 -2.99 -11.43 -26.55
C TYR B 10 -3.24 -11.06 -25.11
N MET B 11 -4.06 -10.00 -24.88
CA MET B 11 -4.38 -9.57 -23.51
C MET B 11 -5.13 -10.64 -22.72
N GLU B 12 -6.20 -11.19 -23.30
CA GLU B 12 -6.93 -12.24 -22.61
C GLU B 12 -6.02 -13.47 -22.43
N PHE B 13 -5.05 -13.69 -23.36
CA PHE B 13 -4.08 -14.79 -23.27
C PHE B 13 -3.04 -14.53 -22.16
N LEU B 14 -2.52 -13.29 -21.99
CA LEU B 14 -1.56 -12.97 -20.89
C LEU B 14 -2.22 -13.05 -19.52
N LYS B 15 -3.55 -12.86 -19.45
CA LYS B 15 -4.27 -13.01 -18.20
C LYS B 15 -4.39 -14.50 -17.83
N SER B 16 -4.23 -15.43 -18.81
CA SER B 16 -4.25 -16.86 -18.56
C SER B 16 -2.87 -17.35 -18.06
N VAL B 17 -1.78 -16.58 -18.33
CA VAL B 17 -0.43 -16.89 -17.86
C VAL B 17 -0.39 -16.56 -16.35
N PRO B 18 -0.08 -17.53 -15.46
CA PRO B 18 -0.13 -17.27 -14.01
C PRO B 18 0.69 -16.09 -13.48
N THR B 19 1.92 -15.91 -13.97
CA THR B 19 2.75 -14.80 -13.48
C THR B 19 2.18 -13.42 -13.92
N PHE B 20 1.70 -13.31 -15.17
CA PHE B 20 1.15 -12.04 -15.70
C PHE B 20 -0.30 -11.74 -15.25
N GLN B 21 -1.09 -12.77 -14.84
CA GLN B 21 -2.50 -12.62 -14.43
C GLN B 21 -2.76 -11.42 -13.49
N SER B 22 -1.83 -11.14 -12.59
CA SER B 22 -1.94 -10.06 -11.61
C SER B 22 -1.77 -8.64 -12.16
N LEU B 23 -1.08 -8.47 -13.31
CA LEU B 23 -0.74 -7.14 -13.85
C LEU B 23 -1.89 -6.24 -14.36
N PRO B 24 -1.69 -4.89 -14.27
CA PRO B 24 -2.70 -3.94 -14.80
C PRO B 24 -2.93 -4.02 -16.31
N GLU B 25 -4.13 -3.68 -16.77
CA GLU B 25 -4.47 -3.74 -18.20
C GLU B 25 -3.69 -2.73 -19.04
N GLU B 26 -3.18 -1.64 -18.45
CA GLU B 26 -2.36 -0.69 -19.19
C GLU B 26 -1.09 -1.42 -19.60
N ILE B 27 -0.45 -2.13 -18.64
CA ILE B 27 0.77 -2.94 -18.84
C ILE B 27 0.50 -4.04 -19.90
N LEU B 28 -0.68 -4.69 -19.81
CA LEU B 28 -1.04 -5.75 -20.73
C LEU B 28 -1.39 -5.25 -22.14
N SER B 29 -2.06 -4.08 -22.26
CA SER B 29 -2.40 -3.50 -23.57
C SER B 29 -1.14 -2.98 -24.22
N LYS B 30 -0.29 -2.31 -23.42
CA LYS B 30 0.99 -1.81 -23.92
C LYS B 30 1.86 -3.00 -24.44
N LEU B 31 1.81 -4.17 -23.76
CA LEU B 31 2.53 -5.38 -24.19
C LEU B 31 1.89 -6.02 -25.44
N ALA B 32 0.56 -6.10 -25.45
CA ALA B 32 -0.18 -6.63 -26.60
C ALA B 32 0.08 -5.83 -27.91
N ASP B 33 0.48 -4.53 -27.82
CA ASP B 33 0.81 -3.72 -29.00
C ASP B 33 2.16 -4.14 -29.59
N VAL B 34 3.17 -4.26 -28.72
CA VAL B 34 4.54 -4.59 -29.13
C VAL B 34 4.81 -6.08 -29.47
N LEU B 35 4.11 -7.04 -28.80
CA LEU B 35 4.37 -8.47 -29.03
C LEU B 35 4.18 -8.93 -30.48
N GLU B 36 5.20 -9.57 -31.07
CA GLU B 36 5.17 -10.09 -32.43
C GLU B 36 4.99 -11.58 -32.39
N GLU B 37 4.04 -12.09 -33.16
CA GLU B 37 3.74 -13.53 -33.21
C GLU B 37 4.63 -14.26 -34.25
N THR B 38 5.54 -15.15 -33.81
CA THR B 38 6.44 -15.93 -34.69
C THR B 38 5.99 -17.39 -34.70
N HIS B 39 6.02 -18.06 -35.87
CA HIS B 39 5.59 -19.46 -36.03
C HIS B 39 6.78 -20.39 -36.33
N TYR B 40 6.75 -21.63 -35.80
CA TYR B 40 7.79 -22.66 -35.98
C TYR B 40 7.17 -24.00 -36.35
N GLU B 41 7.98 -24.88 -36.94
CA GLU B 41 7.55 -26.21 -37.40
C GLU B 41 8.24 -27.26 -36.53
N ASN B 42 7.63 -28.46 -36.41
CA ASN B 42 8.18 -29.55 -35.60
C ASN B 42 9.65 -29.80 -35.98
N GLY B 43 10.50 -29.90 -34.97
CA GLY B 43 11.93 -30.10 -35.16
C GLY B 43 12.75 -28.82 -35.29
N GLU B 44 12.10 -27.67 -35.54
CA GLU B 44 12.81 -26.40 -35.71
C GLU B 44 13.41 -25.90 -34.39
N TYR B 45 14.65 -25.40 -34.44
CA TYR B 45 15.32 -24.85 -33.26
C TYR B 45 14.89 -23.39 -33.11
N ILE B 46 14.09 -23.07 -32.07
CA ILE B 46 13.65 -21.68 -31.79
C ILE B 46 14.86 -20.92 -31.27
N ILE B 47 15.70 -21.62 -30.48
CA ILE B 47 16.94 -21.11 -29.92
C ILE B 47 17.99 -22.23 -30.00
N ARG B 48 19.27 -21.85 -30.14
CA ARG B 48 20.42 -22.76 -30.16
C ARG B 48 21.38 -22.31 -29.06
N GLN B 49 21.95 -23.25 -28.29
CA GLN B 49 22.89 -22.86 -27.25
C GLN B 49 24.17 -22.33 -27.87
N GLY B 50 24.78 -21.40 -27.18
CA GLY B 50 26.00 -20.74 -27.64
C GLY B 50 25.77 -19.54 -28.53
N ALA B 51 24.52 -19.33 -29.01
CA ALA B 51 24.19 -18.17 -29.84
C ALA B 51 23.94 -16.97 -28.94
N ARG B 52 24.00 -15.75 -29.48
CA ARG B 52 23.74 -14.54 -28.72
C ARG B 52 22.40 -13.97 -29.22
N GLY B 53 21.48 -13.65 -28.30
CA GLY B 53 20.17 -13.14 -28.64
C GLY B 53 19.65 -12.10 -27.69
N ASP B 54 18.63 -11.33 -28.12
CA ASP B 54 18.04 -10.27 -27.30
C ASP B 54 16.51 -10.40 -27.20
N THR B 55 15.98 -11.63 -27.41
CA THR B 55 14.56 -11.95 -27.50
C THR B 55 13.98 -12.91 -26.45
N PHE B 56 12.78 -12.56 -25.92
CA PHE B 56 12.04 -13.36 -24.95
C PHE B 56 10.81 -14.00 -25.63
N PHE B 57 10.45 -15.26 -25.25
CA PHE B 57 9.36 -16.00 -25.88
C PHE B 57 8.34 -16.51 -24.90
N ILE B 58 7.08 -16.52 -25.33
CA ILE B 58 5.92 -17.00 -24.56
C ILE B 58 5.18 -17.92 -25.52
N ILE B 59 4.88 -19.16 -25.12
CA ILE B 59 4.21 -20.12 -26.00
C ILE B 59 2.69 -19.89 -25.98
N SER B 60 2.11 -19.65 -27.17
CA SER B 60 0.67 -19.45 -27.35
C SER B 60 -0.02 -20.66 -27.99
N LYS B 61 0.76 -21.62 -28.52
CA LYS B 61 0.24 -22.83 -29.15
C LYS B 61 1.43 -23.77 -29.34
N GLY B 62 1.29 -25.03 -28.92
CA GLY B 62 2.33 -26.06 -29.07
C GLY B 62 3.16 -26.37 -27.83
N THR B 63 4.24 -27.15 -28.05
CA THR B 63 5.21 -27.55 -27.02
C THR B 63 6.63 -27.52 -27.58
N VAL B 64 7.61 -27.33 -26.67
CA VAL B 64 9.02 -27.27 -27.02
C VAL B 64 9.83 -28.09 -26.01
N ASN B 65 10.94 -28.74 -26.44
CA ASN B 65 11.81 -29.54 -25.55
C ASN B 65 13.15 -28.82 -25.37
N VAL B 66 13.52 -28.50 -24.11
CA VAL B 66 14.77 -27.78 -23.80
C VAL B 66 15.90 -28.80 -23.66
N THR B 67 16.99 -28.67 -24.46
CA THR B 67 18.12 -29.63 -24.42
C THR B 67 19.49 -28.91 -24.37
N ARG B 68 20.38 -29.32 -23.43
CA ARG B 68 21.73 -28.76 -23.28
C ARG B 68 22.74 -29.78 -23.81
N GLU B 69 24.00 -29.38 -23.99
CA GLU B 69 25.02 -30.34 -24.45
C GLU B 69 26.43 -30.00 -23.98
N ASP B 70 27.20 -31.07 -23.73
CA ASP B 70 28.60 -31.09 -23.31
C ASP B 70 29.36 -32.14 -24.17
N SER B 71 28.77 -33.37 -24.30
CA SER B 71 29.22 -34.56 -25.09
C SER B 71 29.81 -34.27 -26.52
N PRO B 72 30.44 -35.30 -27.16
CA PRO B 72 31.01 -35.08 -28.51
C PRO B 72 30.01 -34.67 -29.58
N PRO B 76 23.09 -35.13 -26.20
CA PRO B 76 22.44 -34.00 -25.53
C PRO B 76 21.80 -34.43 -24.21
N VAL B 77 21.51 -33.45 -23.34
CA VAL B 77 20.93 -33.68 -22.02
C VAL B 77 19.53 -33.07 -21.96
N PHE B 78 18.49 -33.93 -21.97
CA PHE B 78 17.09 -33.48 -21.89
C PHE B 78 16.86 -32.83 -20.52
N LEU B 79 16.24 -31.62 -20.51
CA LEU B 79 15.97 -30.89 -19.29
C LEU B 79 14.48 -30.82 -19.00
N ARG B 80 13.69 -30.22 -19.92
CA ARG B 80 12.25 -30.08 -19.74
C ARG B 80 11.47 -29.82 -21.02
N THR B 81 10.14 -29.98 -20.91
CA THR B 81 9.17 -29.75 -21.99
C THR B 81 8.24 -28.60 -21.56
N LEU B 82 8.18 -27.50 -22.36
CA LEU B 82 7.37 -26.32 -22.07
C LEU B 82 6.21 -26.27 -23.05
N GLY B 83 5.02 -25.97 -22.54
CA GLY B 83 3.80 -25.89 -23.33
C GLY B 83 3.21 -24.49 -23.34
N LYS B 84 1.95 -24.38 -23.74
CA LYS B 84 1.27 -23.08 -23.78
C LYS B 84 1.28 -22.44 -22.37
N GLY B 85 1.56 -21.14 -22.33
CA GLY B 85 1.64 -20.37 -21.10
C GLY B 85 3.04 -20.25 -20.54
N ASP B 86 3.93 -21.20 -20.88
CA ASP B 86 5.31 -21.21 -20.39
C ASP B 86 6.15 -20.31 -21.26
N TRP B 87 7.26 -19.83 -20.71
CA TRP B 87 8.12 -18.88 -21.40
C TRP B 87 9.58 -19.20 -21.20
N PHE B 88 10.41 -18.67 -22.10
CA PHE B 88 11.86 -18.91 -22.06
C PHE B 88 12.66 -17.77 -22.73
N GLY B 89 13.99 -17.84 -22.64
CA GLY B 89 14.86 -16.81 -23.20
C GLY B 89 15.02 -15.55 -22.36
N GLU B 90 14.29 -15.49 -21.20
CA GLU B 90 14.27 -14.43 -20.16
C GLU B 90 15.64 -13.77 -19.82
N LYS B 91 16.75 -14.53 -19.87
CA LYS B 91 18.08 -13.96 -19.60
C LYS B 91 18.47 -12.84 -20.58
N ALA B 92 17.99 -12.94 -21.83
CA ALA B 92 18.23 -12.01 -22.93
C ALA B 92 17.72 -10.59 -22.68
N LEU B 93 16.56 -10.44 -21.98
CA LEU B 93 15.98 -9.12 -21.65
C LEU B 93 16.81 -8.41 -20.55
N GLN B 94 17.43 -9.24 -19.70
CA GLN B 94 18.25 -8.88 -18.55
C GLN B 94 19.76 -8.83 -18.93
N GLY B 95 20.08 -8.08 -19.98
CA GLY B 95 21.45 -7.89 -20.44
C GLY B 95 22.14 -9.06 -21.13
N GLU B 96 22.51 -10.09 -20.36
CA GLU B 96 23.23 -11.29 -20.86
C GLU B 96 22.53 -11.97 -22.05
N ASP B 97 23.20 -11.88 -23.21
CA ASP B 97 22.66 -12.35 -24.49
C ASP B 97 23.11 -13.75 -24.89
N VAL B 98 24.13 -14.34 -24.25
CA VAL B 98 24.57 -15.71 -24.59
C VAL B 98 23.52 -16.75 -24.16
N ARG B 99 23.24 -17.73 -25.05
CA ARG B 99 22.25 -18.80 -24.80
C ARG B 99 22.96 -20.02 -24.21
N THR B 100 22.33 -20.70 -23.22
CA THR B 100 22.92 -21.88 -22.56
C THR B 100 22.26 -23.22 -22.94
N ALA B 101 21.05 -23.23 -23.53
CA ALA B 101 20.37 -24.48 -23.91
C ALA B 101 19.61 -24.27 -25.22
N ASN B 102 19.31 -25.37 -25.92
CA ASN B 102 18.58 -25.33 -27.18
C ASN B 102 17.09 -25.50 -26.91
N VAL B 103 16.20 -24.68 -27.53
CA VAL B 103 14.75 -24.85 -27.39
C VAL B 103 14.22 -25.25 -28.76
N ILE B 104 13.88 -26.53 -28.91
CA ILE B 104 13.41 -27.12 -30.17
C ILE B 104 11.89 -27.30 -30.16
N ALA B 105 11.25 -27.05 -31.30
CA ALA B 105 9.83 -27.23 -31.47
C ALA B 105 9.51 -28.72 -31.48
N ALA B 106 8.67 -29.18 -30.53
CA ALA B 106 8.29 -30.60 -30.43
C ALA B 106 7.05 -30.91 -31.31
N GLU B 107 6.46 -29.86 -31.94
CA GLU B 107 5.31 -29.94 -32.85
C GLU B 107 5.16 -28.56 -33.56
N ALA B 108 3.98 -28.22 -34.13
CA ALA B 108 3.79 -26.89 -34.70
C ALA B 108 3.73 -25.95 -33.47
N VAL B 109 4.60 -24.93 -33.44
CA VAL B 109 4.68 -24.02 -32.28
C VAL B 109 4.45 -22.55 -32.70
N THR B 110 3.78 -21.79 -31.82
CA THR B 110 3.53 -20.37 -32.02
C THR B 110 3.94 -19.66 -30.75
N CYS B 111 4.86 -18.70 -30.88
CA CYS B 111 5.33 -17.88 -29.77
C CYS B 111 4.91 -16.45 -30.01
N LEU B 112 4.92 -15.68 -28.92
CA LEU B 112 4.72 -14.24 -28.92
C LEU B 112 6.06 -13.75 -28.41
N VAL B 113 6.72 -12.89 -29.20
CA VAL B 113 8.09 -12.47 -29.03
C VAL B 113 8.28 -10.98 -28.75
N ILE B 114 9.24 -10.64 -27.85
CA ILE B 114 9.65 -9.26 -27.54
C ILE B 114 11.15 -9.25 -27.38
N ASP B 115 11.77 -8.09 -27.67
CA ASP B 115 13.22 -7.90 -27.54
C ASP B 115 13.52 -6.95 -26.39
N ARG B 116 14.80 -6.91 -25.98
CA ARG B 116 15.26 -6.09 -24.86
C ARG B 116 14.85 -4.64 -25.01
N ASP B 117 15.13 -4.07 -26.19
CA ASP B 117 14.86 -2.66 -26.40
C ASP B 117 13.38 -2.39 -26.26
N SER B 118 12.52 -3.06 -27.06
CA SER B 118 11.06 -2.90 -26.95
C SER B 118 10.56 -3.10 -25.50
N PHE B 119 11.19 -4.03 -24.73
CA PHE B 119 10.79 -4.25 -23.35
C PHE B 119 11.23 -3.10 -22.43
N LYS B 120 12.50 -2.66 -22.56
CA LYS B 120 13.02 -1.54 -21.75
C LYS B 120 12.28 -0.24 -22.07
N HIS B 121 11.98 -0.03 -23.37
CA HIS B 121 11.24 1.16 -23.80
C HIS B 121 9.82 1.08 -23.27
N LEU B 122 9.18 -0.10 -23.30
CA LEU B 122 7.83 -0.25 -22.77
C LEU B 122 7.79 0.03 -21.25
N ILE B 123 8.84 -0.37 -20.48
CA ILE B 123 8.91 -0.16 -19.01
C ILE B 123 9.10 1.30 -18.66
N GLY B 124 10.03 1.97 -19.32
CA GLY B 124 10.27 3.40 -19.11
C GLY B 124 9.09 4.21 -19.64
N GLY B 125 8.66 3.84 -20.85
CA GLY B 125 7.50 4.42 -21.53
C GLY B 125 6.21 4.15 -20.81
N LEU B 126 6.17 3.06 -20.02
CA LEU B 126 5.03 2.74 -19.19
C LEU B 126 4.85 3.98 -18.35
N ASP B 127 5.94 4.37 -17.64
CA ASP B 127 6.11 5.57 -16.80
C ASP B 127 5.02 5.86 -15.77
N ASP B 128 3.76 5.41 -15.99
CA ASP B 128 2.65 5.73 -15.13
C ASP B 128 3.07 5.42 -13.72
N VAL B 129 3.35 6.49 -12.95
CA VAL B 129 3.78 6.41 -11.56
C VAL B 129 2.94 5.37 -10.78
N SER B 130 1.59 5.39 -10.98
CA SER B 130 0.62 4.45 -10.36
C SER B 130 0.74 3.01 -10.88
N ASN B 131 1.22 2.90 -12.12
CA ASN B 131 1.40 1.63 -12.80
C ASN B 131 2.84 1.13 -12.66
N LYS B 132 3.41 1.21 -11.44
CA LYS B 132 4.69 0.61 -11.09
C LYS B 132 4.41 -0.60 -10.22
N ALA B 133 3.10 -0.99 -10.11
CA ALA B 133 2.67 -2.25 -9.51
C ALA B 133 3.24 -3.44 -10.35
N TYR B 134 3.96 -3.17 -11.47
CA TYR B 134 4.74 -4.15 -12.22
C TYR B 134 5.89 -4.58 -11.27
N GLU B 135 6.51 -3.61 -10.55
CA GLU B 135 7.62 -3.85 -9.62
C GLU B 135 7.21 -4.73 -8.44
N ASP B 136 5.94 -4.58 -7.95
CA ASP B 136 5.40 -5.43 -6.88
C ASP B 136 5.36 -6.88 -7.39
N ALA B 137 4.80 -7.08 -8.60
CA ALA B 137 4.73 -8.39 -9.26
C ALA B 137 6.14 -8.93 -9.59
N GLU B 138 7.07 -8.05 -10.03
CA GLU B 138 8.47 -8.41 -10.33
C GLU B 138 9.12 -8.90 -9.08
N ALA B 139 8.95 -8.15 -7.98
CA ALA B 139 9.48 -8.53 -6.67
C ALA B 139 8.89 -9.86 -6.26
N LYS B 140 7.53 -9.94 -6.29
CA LYS B 140 6.79 -11.11 -5.85
C LYS B 140 7.30 -12.34 -6.55
N ALA B 141 7.42 -12.25 -7.89
CA ALA B 141 7.95 -13.32 -8.74
C ALA B 141 9.42 -13.64 -8.42
N LYS B 142 10.25 -12.61 -8.25
CA LYS B 142 11.68 -12.75 -7.94
C LYS B 142 11.96 -13.57 -6.67
N TYR B 143 11.27 -13.23 -5.56
CA TYR B 143 11.46 -13.90 -4.27
C TYR B 143 10.84 -15.24 -4.21
N GLU B 144 9.95 -15.56 -5.13
CA GLU B 144 9.42 -16.92 -5.23
C GLU B 144 10.39 -17.74 -6.08
N ALA B 145 11.01 -17.12 -7.09
CA ALA B 145 11.99 -17.82 -7.93
C ALA B 145 13.20 -18.18 -7.07
N GLU B 146 13.65 -17.22 -6.22
CA GLU B 146 14.79 -17.39 -5.31
C GLU B 146 14.56 -18.59 -4.39
N ALA B 147 13.38 -18.62 -3.71
CA ALA B 147 12.98 -19.69 -2.79
C ALA B 147 13.11 -21.08 -3.42
N ALA B 148 12.56 -21.27 -4.62
CA ALA B 148 12.61 -22.56 -5.31
C ALA B 148 14.02 -22.98 -5.70
N PHE B 149 14.95 -22.02 -5.91
CA PHE B 149 16.36 -22.37 -6.20
C PHE B 149 16.95 -23.02 -4.95
N PHE B 150 16.72 -22.38 -3.77
CA PHE B 150 17.18 -22.86 -2.47
C PHE B 150 16.42 -24.10 -1.99
N ALA B 151 15.13 -24.23 -2.36
CA ALA B 151 14.31 -25.38 -1.94
C ALA B 151 14.83 -26.73 -2.46
N ASN B 152 15.49 -26.73 -3.63
CA ASN B 152 16.07 -27.91 -4.25
C ASN B 152 17.36 -28.34 -3.55
N LEU B 153 17.98 -27.44 -2.75
CA LEU B 153 19.22 -27.71 -2.05
C LEU B 153 19.03 -28.53 -0.77
N LYS B 154 20.11 -29.24 -0.42
CA LYS B 154 20.26 -30.09 0.76
C LYS B 154 21.53 -29.61 1.48
N LEU B 155 21.70 -29.99 2.76
CA LEU B 155 22.90 -29.62 3.52
C LEU B 155 24.14 -30.26 2.85
N SER B 156 23.92 -31.45 2.29
CA SER B 156 24.94 -32.20 1.55
C SER B 156 25.52 -31.42 0.37
N ASP B 157 24.84 -30.37 -0.11
CA ASP B 157 25.30 -29.56 -1.24
C ASP B 157 26.31 -28.45 -0.83
N PHE B 158 26.69 -28.34 0.49
CA PHE B 158 27.61 -27.29 0.95
C PHE B 158 28.87 -27.84 1.60
N ASN B 159 29.93 -27.01 1.66
CA ASN B 159 31.24 -27.33 2.24
C ASN B 159 31.51 -26.42 3.39
N ILE B 160 31.86 -26.94 4.59
CA ILE B 160 32.23 -26.02 5.67
C ILE B 160 33.63 -25.52 5.41
N ILE B 161 33.80 -24.20 5.58
CA ILE B 161 35.07 -23.51 5.41
C ILE B 161 35.66 -23.26 6.80
N ASP B 162 35.10 -22.31 7.57
CA ASP B 162 35.58 -21.97 8.92
C ASP B 162 34.47 -21.43 9.79
N THR B 163 34.68 -21.51 11.10
CA THR B 163 33.72 -21.01 12.10
C THR B 163 33.79 -19.48 12.23
N LEU B 164 32.60 -18.86 12.27
CA LEU B 164 32.41 -17.41 12.37
C LEU B 164 32.02 -16.95 13.79
N GLY B 165 31.33 -17.80 14.52
CA GLY B 165 30.91 -17.50 15.89
C GLY B 165 30.54 -18.76 16.59
N VAL B 166 30.73 -18.78 17.91
CA VAL B 166 30.41 -19.93 18.73
C VAL B 166 29.86 -19.42 20.06
N GLY B 167 28.68 -19.90 20.43
CA GLY B 167 28.05 -19.61 21.72
C GLY B 167 27.32 -20.83 22.25
N GLY B 168 26.48 -20.60 23.26
CA GLY B 168 25.65 -21.63 23.86
C GLY B 168 24.69 -22.18 22.83
N PHE B 169 24.08 -21.27 22.02
CA PHE B 169 23.16 -21.56 20.89
C PHE B 169 23.65 -22.68 19.93
N GLY B 170 24.92 -22.63 19.61
CA GLY B 170 25.56 -23.55 18.69
C GLY B 170 26.68 -22.78 18.06
N ARG B 171 26.78 -22.79 16.73
CA ARG B 171 27.77 -21.97 16.04
C ARG B 171 27.33 -21.51 14.67
N VAL B 172 28.02 -20.47 14.15
CA VAL B 172 27.87 -19.93 12.83
C VAL B 172 29.11 -20.43 12.11
N GLU B 173 28.91 -20.88 10.88
CA GLU B 173 29.94 -21.47 10.04
C GLU B 173 29.89 -20.84 8.68
N LEU B 174 31.04 -20.56 8.08
CA LEU B 174 31.07 -20.10 6.70
C LEU B 174 30.98 -21.39 5.83
N VAL B 175 29.96 -21.47 4.94
CA VAL B 175 29.74 -22.64 4.09
C VAL B 175 29.80 -22.22 2.61
N GLN B 176 30.38 -23.01 1.74
CA GLN B 176 30.47 -22.72 0.30
C GLN B 176 29.58 -23.70 -0.41
N LEU B 177 28.92 -23.26 -1.46
CA LEU B 177 28.05 -24.12 -2.25
C LEU B 177 28.96 -24.94 -3.13
N LYS B 178 28.98 -26.29 -2.95
CA LYS B 178 29.84 -27.19 -3.72
C LYS B 178 29.78 -26.87 -5.21
N SER B 179 28.57 -26.56 -5.71
CA SER B 179 28.33 -26.14 -7.11
C SER B 179 29.14 -24.86 -7.52
N GLU B 180 28.81 -23.68 -6.92
CA GLU B 180 29.47 -22.41 -7.26
C GLU B 180 30.46 -21.93 -6.20
N GLU B 181 31.78 -22.03 -6.48
CA GLU B 181 32.88 -21.56 -5.59
C GLU B 181 32.70 -20.10 -5.14
N SER B 182 32.03 -19.28 -5.96
CA SER B 182 31.82 -17.88 -5.66
C SER B 182 30.75 -17.64 -4.58
N LYS B 183 29.76 -18.59 -4.46
CA LYS B 183 28.62 -18.51 -3.54
C LYS B 183 28.91 -19.14 -2.18
N THR B 184 29.25 -18.29 -1.17
CA THR B 184 29.49 -18.67 0.23
C THR B 184 28.41 -18.04 1.11
N PHE B 185 28.05 -18.74 2.20
CA PHE B 185 26.98 -18.32 3.11
C PHE B 185 27.40 -18.48 4.54
N ALA B 186 26.72 -17.80 5.46
CA ALA B 186 26.93 -17.91 6.89
C ALA B 186 25.83 -18.83 7.46
N MET B 187 26.16 -20.09 7.68
CA MET B 187 25.22 -21.09 8.20
C MET B 187 25.18 -21.03 9.72
N LYS B 188 24.02 -20.70 10.30
CA LYS B 188 23.87 -20.68 11.74
C LYS B 188 23.21 -22.00 12.15
N ILE B 189 24.02 -22.94 12.71
CA ILE B 189 23.57 -24.24 13.23
C ILE B 189 23.15 -24.01 14.71
N LEU B 190 21.93 -24.45 15.10
CA LEU B 190 21.38 -24.23 16.44
C LEU B 190 20.95 -25.50 17.11
N LYS B 191 21.37 -25.72 18.38
CA LYS B 191 20.95 -26.91 19.14
C LYS B 191 19.47 -26.73 19.50
N LYS B 192 18.60 -27.67 19.09
CA LYS B 192 17.17 -27.60 19.39
C LYS B 192 16.90 -27.67 20.89
N ARG B 193 17.75 -28.39 21.67
CA ARG B 193 17.54 -28.47 23.11
C ARG B 193 17.71 -27.12 23.77
N HIS B 194 18.70 -26.32 23.32
CA HIS B 194 18.88 -24.98 23.89
C HIS B 194 17.63 -24.13 23.67
N ILE B 195 17.13 -24.10 22.44
CA ILE B 195 15.93 -23.35 22.05
C ILE B 195 14.76 -23.75 22.97
N VAL B 196 14.61 -25.07 23.17
CA VAL B 196 13.57 -25.63 24.02
C VAL B 196 13.77 -25.22 25.50
N ASP B 197 14.98 -25.43 26.02
CA ASP B 197 15.31 -25.12 27.41
C ASP B 197 15.15 -23.63 27.75
N THR B 198 15.31 -22.73 26.76
CA THR B 198 15.13 -21.28 26.94
C THR B 198 13.73 -20.76 26.56
N ARG B 199 12.80 -21.66 26.13
CA ARG B 199 11.44 -21.29 25.70
C ARG B 199 11.46 -20.35 24.46
N GLN B 200 12.41 -20.58 23.52
CA GLN B 200 12.56 -19.74 22.33
C GLN B 200 11.98 -20.39 21.02
N GLN B 201 11.05 -21.34 21.12
CA GLN B 201 10.49 -21.96 19.91
C GLN B 201 9.73 -20.91 19.03
N GLU B 202 8.98 -20.01 19.67
CA GLU B 202 8.23 -18.98 18.98
C GLU B 202 9.15 -17.86 18.52
N HIS B 203 10.13 -17.46 19.35
CA HIS B 203 11.13 -16.45 18.98
C HIS B 203 11.85 -16.82 17.70
N ILE B 204 12.21 -18.12 17.55
CA ILE B 204 12.94 -18.70 16.41
C ILE B 204 12.00 -18.89 15.23
N ARG B 205 10.70 -19.17 15.49
CA ARG B 205 9.72 -19.35 14.42
C ARG B 205 9.43 -17.98 13.73
N SER B 206 9.43 -16.87 14.51
CA SER B 206 9.25 -15.51 13.99
C SER B 206 10.52 -15.02 13.29
N GLU B 207 11.70 -15.31 13.87
CA GLU B 207 12.99 -14.94 13.29
C GLU B 207 13.05 -15.39 11.84
N LYS B 208 12.69 -16.66 11.60
CA LYS B 208 12.65 -17.25 10.27
C LYS B 208 11.71 -16.42 9.36
N GLN B 209 10.42 -16.37 9.73
CA GLN B 209 9.36 -15.64 9.03
C GLN B 209 9.76 -14.19 8.65
N ILE B 210 10.37 -13.44 9.58
CA ILE B 210 10.77 -12.04 9.31
C ILE B 210 11.99 -11.94 8.38
N MET B 211 13.13 -12.57 8.72
CA MET B 211 14.34 -12.47 7.89
C MET B 211 14.12 -12.94 6.45
N GLN B 212 13.31 -14.00 6.24
CA GLN B 212 12.96 -14.47 4.89
C GLN B 212 12.07 -13.43 4.16
N GLY B 213 11.14 -12.83 4.90
CA GLY B 213 10.27 -11.76 4.38
C GLY B 213 10.99 -10.44 4.08
N ALA B 214 12.05 -10.13 4.83
CA ALA B 214 12.82 -8.89 4.67
C ALA B 214 13.66 -8.88 3.40
N HIS B 215 13.70 -7.70 2.74
CA HIS B 215 14.46 -7.43 1.51
C HIS B 215 15.05 -6.01 1.64
N SER B 216 16.07 -5.86 2.52
CA SER B 216 16.80 -4.60 2.73
C SER B 216 18.30 -4.83 2.72
N ASP B 217 19.06 -3.85 2.18
CA ASP B 217 20.52 -3.94 2.14
C ASP B 217 21.14 -3.59 3.51
N PHE B 218 20.31 -3.23 4.53
CA PHE B 218 20.78 -2.94 5.88
C PHE B 218 20.38 -4.08 6.81
N ILE B 219 19.90 -5.20 6.26
CA ILE B 219 19.47 -6.39 7.01
C ILE B 219 20.10 -7.60 6.33
N VAL B 220 20.54 -8.58 7.12
CA VAL B 220 21.17 -9.81 6.60
C VAL B 220 20.05 -10.71 5.99
N ARG B 221 20.25 -11.18 4.76
CA ARG B 221 19.27 -12.02 4.08
C ARG B 221 19.30 -13.49 4.61
N LEU B 222 18.11 -14.04 4.98
CA LEU B 222 17.92 -15.45 5.39
C LEU B 222 17.24 -16.10 4.17
N TYR B 223 17.99 -16.92 3.42
CA TYR B 223 17.51 -17.51 2.18
C TYR B 223 16.59 -18.68 2.40
N ARG B 224 16.93 -19.55 3.34
CA ARG B 224 16.11 -20.70 3.69
C ARG B 224 16.57 -21.31 5.00
N THR B 225 15.87 -22.37 5.44
CA THR B 225 16.26 -23.10 6.62
C THR B 225 16.22 -24.61 6.37
N PHE B 226 17.02 -25.32 7.19
CA PHE B 226 17.13 -26.76 7.21
C PHE B 226 16.99 -27.27 8.66
N LYS B 227 16.73 -28.56 8.81
CA LYS B 227 16.60 -29.19 10.12
C LYS B 227 16.98 -30.70 10.08
N ASP B 228 17.45 -31.20 11.22
CA ASP B 228 17.69 -32.62 11.42
C ASP B 228 17.06 -32.98 12.77
N SER B 229 17.41 -34.10 13.37
CA SER B 229 16.80 -34.46 14.66
C SER B 229 17.28 -33.60 15.81
N LYS B 230 18.49 -33.00 15.70
CA LYS B 230 19.11 -32.22 16.77
C LYS B 230 19.25 -30.72 16.53
N TYR B 231 19.42 -30.29 15.28
CA TYR B 231 19.65 -28.88 15.00
C TYR B 231 18.74 -28.26 13.97
N LEU B 232 18.74 -26.90 13.97
CA LEU B 232 18.13 -26.04 12.97
C LEU B 232 19.31 -25.36 12.29
N TYR B 233 19.20 -25.16 10.98
CA TYR B 233 20.26 -24.60 10.13
C TYR B 233 19.70 -23.40 9.37
N MET B 234 20.26 -22.21 9.55
CA MET B 234 19.76 -20.99 8.92
C MET B 234 20.78 -20.50 7.92
N LEU B 235 20.48 -20.65 6.61
CA LEU B 235 21.39 -20.24 5.53
C LEU B 235 21.26 -18.73 5.27
N MET B 236 22.30 -17.96 5.61
CA MET B 236 22.26 -16.51 5.49
C MET B 236 23.36 -15.98 4.62
N GLU B 237 23.24 -14.71 4.22
CA GLU B 237 24.28 -14.06 3.40
C GLU B 237 25.54 -13.88 4.26
N ALA B 238 26.71 -14.10 3.63
CA ALA B 238 28.00 -14.00 4.31
C ALA B 238 28.49 -12.56 4.30
N CYS B 239 28.44 -11.91 5.48
CA CYS B 239 28.93 -10.54 5.71
C CYS B 239 30.31 -10.70 6.34
N LEU B 240 31.34 -10.73 5.48
CA LEU B 240 32.73 -11.01 5.87
C LEU B 240 33.57 -9.82 6.37
N GLY B 241 32.93 -8.67 6.63
CA GLY B 241 33.62 -7.49 7.14
C GLY B 241 34.15 -7.67 8.55
N GLY B 242 33.44 -8.48 9.33
CA GLY B 242 33.82 -8.80 10.69
C GLY B 242 32.67 -8.42 11.62
N GLU B 243 32.72 -8.74 12.93
CA GLU B 243 31.62 -8.39 13.86
C GLU B 243 31.82 -6.99 14.42
N LEU B 244 30.76 -6.17 14.48
CA LEU B 244 30.94 -4.79 15.00
C LEU B 244 31.43 -4.78 16.45
N TRP B 245 30.96 -5.73 17.30
CA TRP B 245 31.40 -5.78 18.70
C TRP B 245 32.89 -6.15 18.86
N THR B 246 33.47 -6.95 17.93
CA THR B 246 34.90 -7.28 17.96
C THR B 246 35.72 -6.07 17.48
N ILE B 247 35.14 -5.21 16.65
CA ILE B 247 35.86 -4.04 16.15
C ILE B 247 35.87 -2.98 17.26
N LEU B 248 34.72 -2.78 17.93
CA LEU B 248 34.59 -1.84 19.04
C LEU B 248 35.47 -2.31 20.18
N ARG B 249 35.50 -3.62 20.45
CA ARG B 249 36.36 -4.18 21.51
C ARG B 249 37.81 -3.72 21.28
N ASP B 250 38.33 -4.03 20.08
CA ASP B 250 39.70 -3.74 19.68
C ASP B 250 40.05 -2.27 19.62
N ARG B 251 39.06 -1.40 19.35
CA ARG B 251 39.25 0.05 19.20
C ARG B 251 38.85 0.90 20.43
N GLY B 252 38.07 0.33 21.35
CA GLY B 252 37.57 1.04 22.52
C GLY B 252 36.33 1.84 22.23
N SER B 253 36.50 2.93 21.47
CA SER B 253 35.45 3.84 21.03
C SER B 253 35.60 4.10 19.53
N PHE B 254 34.54 4.70 18.94
CA PHE B 254 34.51 5.09 17.52
C PHE B 254 34.47 6.60 17.38
N GLU B 255 35.17 7.10 16.35
CA GLU B 255 35.27 8.52 16.00
C GLU B 255 33.86 9.03 15.61
N ASP B 256 33.55 10.30 15.89
CA ASP B 256 32.21 10.87 15.63
C ASP B 256 31.60 10.49 14.28
N SER B 257 32.36 10.70 13.20
CA SER B 257 31.93 10.41 11.83
C SER B 257 31.75 8.90 11.53
N THR B 258 32.50 8.03 12.24
CA THR B 258 32.39 6.57 12.11
C THR B 258 31.03 6.11 12.63
N THR B 259 30.71 6.55 13.88
CA THR B 259 29.46 6.27 14.58
C THR B 259 28.25 6.71 13.75
N ARG B 260 28.36 7.85 13.07
CA ARG B 260 27.32 8.44 12.19
C ARG B 260 26.99 7.54 11.00
N PHE B 261 28.01 6.87 10.43
CA PHE B 261 27.81 5.93 9.32
C PHE B 261 27.06 4.66 9.81
N TYR B 262 27.46 4.09 10.94
CA TYR B 262 26.81 2.90 11.48
C TYR B 262 25.40 3.22 12.01
N THR B 263 25.19 4.43 12.58
CA THR B 263 23.87 4.84 13.07
C THR B 263 22.94 4.98 11.87
N ALA B 264 23.46 5.58 10.78
CA ALA B 264 22.73 5.75 9.54
C ALA B 264 22.27 4.42 8.96
N CYS B 265 23.13 3.39 9.00
CA CYS B 265 22.80 2.05 8.52
C CYS B 265 21.62 1.48 9.31
N VAL B 266 21.62 1.69 10.64
CA VAL B 266 20.55 1.25 11.56
C VAL B 266 19.23 1.96 11.24
N VAL B 267 19.34 3.27 11.04
CA VAL B 267 18.22 4.15 10.75
C VAL B 267 17.48 3.68 9.48
N GLU B 268 18.22 3.16 8.47
CA GLU B 268 17.60 2.70 7.23
C GLU B 268 16.86 1.38 7.44
N ALA B 269 17.46 0.42 8.19
CA ALA B 269 16.80 -0.85 8.48
C ALA B 269 15.56 -0.61 9.39
N PHE B 270 15.65 0.38 10.33
CA PHE B 270 14.51 0.80 11.16
C PHE B 270 13.42 1.42 10.26
N ALA B 271 13.80 2.28 9.30
CA ALA B 271 12.85 2.85 8.33
C ALA B 271 12.13 1.72 7.61
N TYR B 272 12.91 0.72 7.08
CA TYR B 272 12.37 -0.45 6.42
C TYR B 272 11.46 -1.29 7.33
N LEU B 273 11.94 -1.72 8.51
CA LEU B 273 11.15 -2.55 9.45
C LEU B 273 9.93 -1.84 9.96
N HIS B 274 10.06 -0.59 10.32
CA HIS B 274 8.93 0.14 10.85
C HIS B 274 7.86 0.40 9.78
N SER B 275 8.26 0.50 8.47
CA SER B 275 7.33 0.64 7.34
C SER B 275 6.42 -0.58 7.15
N LYS B 276 6.84 -1.76 7.68
CA LYS B 276 6.11 -3.03 7.60
C LYS B 276 5.48 -3.42 8.95
N GLY B 277 5.58 -2.54 9.94
CA GLY B 277 5.03 -2.77 11.27
C GLY B 277 5.81 -3.77 12.10
N ILE B 278 7.15 -3.82 11.95
CA ILE B 278 7.95 -4.76 12.73
C ILE B 278 8.80 -3.99 13.73
N ILE B 279 8.75 -4.40 15.01
CA ILE B 279 9.58 -3.85 16.10
C ILE B 279 10.81 -4.82 16.23
N TYR B 280 12.03 -4.28 16.31
CA TYR B 280 13.27 -5.05 16.37
C TYR B 280 13.65 -5.49 17.81
N ARG B 281 13.74 -4.54 18.78
CA ARG B 281 14.00 -4.76 20.23
C ARG B 281 15.42 -5.14 20.69
N ASP B 282 16.12 -5.99 19.95
CA ASP B 282 17.45 -6.42 20.35
C ASP B 282 18.67 -5.57 19.90
N LEU B 283 18.53 -4.24 19.70
CA LEU B 283 19.69 -3.45 19.24
C LEU B 283 20.77 -3.31 20.30
N LYS B 284 22.02 -3.55 19.90
CA LYS B 284 23.25 -3.50 20.70
C LYS B 284 24.38 -3.84 19.68
N PRO B 285 25.67 -3.55 19.95
CA PRO B 285 26.68 -3.78 18.90
C PRO B 285 26.85 -5.24 18.44
N GLU B 286 26.38 -6.19 19.25
CA GLU B 286 26.46 -7.61 18.94
C GLU B 286 25.43 -7.99 17.85
N ASN B 287 24.45 -7.10 17.55
CA ASN B 287 23.42 -7.30 16.50
C ASN B 287 23.79 -6.67 15.13
N LEU B 288 24.97 -6.00 15.03
CA LEU B 288 25.47 -5.39 13.80
C LEU B 288 26.71 -6.08 13.26
N ILE B 289 26.71 -6.39 11.94
CA ILE B 289 27.83 -7.05 11.26
C ILE B 289 28.16 -6.31 9.99
N LEU B 290 29.45 -6.05 9.74
CA LEU B 290 29.86 -5.38 8.50
C LEU B 290 30.03 -6.39 7.37
N ASP B 291 29.75 -6.00 6.12
CA ASP B 291 30.00 -6.86 4.97
C ASP B 291 31.41 -6.56 4.45
N HIS B 292 31.83 -7.22 3.37
CA HIS B 292 33.18 -6.99 2.78
C HIS B 292 33.48 -5.51 2.44
N ARG B 293 32.45 -4.72 2.08
CA ARG B 293 32.61 -3.31 1.72
C ARG B 293 32.87 -2.42 2.95
N GLY B 294 32.43 -2.86 4.15
CA GLY B 294 32.50 -2.10 5.38
C GLY B 294 31.17 -1.47 5.78
N TYR B 295 30.06 -1.96 5.18
CA TYR B 295 28.68 -1.51 5.43
C TYR B 295 28.07 -2.41 6.53
N ALA B 296 27.30 -1.84 7.49
CA ALA B 296 26.71 -2.62 8.59
C ALA B 296 25.28 -3.17 8.29
N LYS B 297 24.98 -4.41 8.78
CA LYS B 297 23.66 -5.04 8.59
C LYS B 297 23.13 -5.57 9.92
N LEU B 298 21.78 -5.52 10.13
CA LEU B 298 21.16 -6.08 11.34
C LEU B 298 21.05 -7.58 11.17
N VAL B 299 21.60 -8.35 12.13
CA VAL B 299 21.50 -9.81 12.15
C VAL B 299 20.73 -10.15 13.43
N ASP B 300 20.21 -11.37 13.63
CA ASP B 300 19.47 -11.78 14.85
C ASP B 300 18.14 -11.06 14.99
N PHE B 301 17.06 -11.74 14.62
CA PHE B 301 15.68 -11.25 14.73
C PHE B 301 14.93 -12.10 15.76
N GLY B 302 15.61 -12.37 16.89
CA GLY B 302 15.06 -13.18 17.98
C GLY B 302 13.94 -12.47 18.72
N PHE B 303 14.20 -11.19 19.11
CA PHE B 303 13.19 -10.38 19.78
C PHE B 303 12.33 -9.54 18.84
N ALA B 304 12.57 -9.60 17.52
CA ALA B 304 11.74 -8.86 16.57
C ALA B 304 10.28 -9.34 16.59
N LYS B 305 9.31 -8.44 16.35
CA LYS B 305 7.87 -8.76 16.37
C LYS B 305 7.06 -7.94 15.35
N LYS B 306 6.13 -8.54 14.60
CA LYS B 306 5.28 -7.79 13.65
C LYS B 306 4.04 -7.27 14.43
N ILE B 307 4.04 -5.97 14.83
CA ILE B 307 2.96 -5.43 15.66
C ILE B 307 1.79 -4.96 14.80
N GLY B 308 0.57 -5.19 15.32
CA GLY B 308 -0.69 -4.78 14.73
C GLY B 308 -0.85 -3.28 14.61
N PHE B 309 -1.80 -2.83 13.78
CA PHE B 309 -2.00 -1.41 13.48
C PHE B 309 -2.14 -0.49 14.75
N GLY B 310 -3.19 -0.67 15.53
CA GLY B 310 -3.42 0.13 16.73
C GLY B 310 -3.29 -0.69 18.00
N LYS B 311 -2.26 -1.57 18.05
CA LYS B 311 -2.05 -2.48 19.18
C LYS B 311 -0.63 -2.32 19.73
N LYS B 312 -0.44 -2.80 20.95
CA LYS B 312 0.88 -2.76 21.58
C LYS B 312 1.35 -4.19 21.90
N THR B 313 2.66 -4.30 22.15
CA THR B 313 3.31 -5.54 22.52
C THR B 313 3.55 -5.45 24.02
N TRP B 314 3.57 -6.59 24.71
CA TRP B 314 3.62 -6.61 26.18
C TRP B 314 4.73 -7.42 26.83
N TPO B 315 5.50 -8.18 26.05
CA TPO B 315 6.61 -9.02 26.52
CB TPO B 315 6.99 -9.79 25.21
CG2 TPO B 315 8.19 -10.74 25.36
OG1 TPO B 315 5.86 -10.54 24.59
P TPO B 315 5.32 -10.13 23.13
O1P TPO B 315 6.28 -9.18 22.49
O2P TPO B 315 3.90 -9.51 23.14
O3P TPO B 315 5.48 -11.20 22.00
C TPO B 315 7.79 -8.21 27.08
O TPO B 315 8.26 -7.29 26.40
N PHE B 316 8.24 -8.50 28.34
CA PHE B 316 9.41 -7.89 28.98
C PHE B 316 10.57 -8.74 28.47
N CYS B 317 11.49 -8.13 27.72
CA CYS B 317 12.64 -8.84 27.16
C CYS B 317 13.75 -7.84 26.81
N GLY B 318 14.92 -8.39 26.50
CA GLY B 318 16.09 -7.61 26.12
C GLY B 318 17.14 -7.51 27.19
N THR B 319 18.35 -7.12 26.78
CA THR B 319 19.50 -6.94 27.66
C THR B 319 19.25 -5.70 28.50
N PRO B 320 19.32 -5.77 29.85
CA PRO B 320 18.94 -4.62 30.70
C PRO B 320 19.42 -3.23 30.26
N GLU B 321 20.69 -3.12 29.84
CA GLU B 321 21.32 -1.85 29.42
C GLU B 321 20.59 -1.14 28.28
N TYR B 322 19.89 -1.91 27.39
CA TYR B 322 19.20 -1.40 26.20
C TYR B 322 17.66 -1.34 26.30
N VAL B 323 17.06 -1.85 27.39
CA VAL B 323 15.61 -1.88 27.59
C VAL B 323 15.13 -0.43 27.83
N ALA B 324 13.97 -0.06 27.21
CA ALA B 324 13.38 1.28 27.26
C ALA B 324 12.42 1.38 28.48
N PRO B 325 12.17 2.60 29.03
CA PRO B 325 11.31 2.74 30.22
C PRO B 325 9.94 2.07 30.17
N GLU B 326 9.24 2.18 29.03
CA GLU B 326 7.90 1.59 28.84
C GLU B 326 7.92 0.04 28.85
N ILE B 327 9.08 -0.57 28.58
CA ILE B 327 9.25 -2.03 28.63
C ILE B 327 9.40 -2.43 30.10
N ILE B 328 10.25 -1.69 30.85
CA ILE B 328 10.49 -1.94 32.28
C ILE B 328 9.22 -1.72 33.05
N LEU B 329 8.58 -0.57 32.84
CA LEU B 329 7.35 -0.21 33.54
C LEU B 329 6.14 -1.07 33.14
N ASN B 330 6.30 -1.95 32.15
CA ASN B 330 5.27 -2.85 31.66
C ASN B 330 4.00 -2.14 31.26
N LYS B 331 4.16 -0.97 30.65
CA LYS B 331 3.08 -0.22 30.03
C LYS B 331 3.07 -0.85 28.62
N GLY B 332 2.56 -0.20 27.62
CA GLY B 332 2.67 -0.80 26.29
C GLY B 332 3.99 -0.39 25.65
N HIS B 333 4.43 -1.16 24.66
CA HIS B 333 5.57 -0.73 23.87
C HIS B 333 5.27 -0.97 22.37
N ASP B 334 5.89 -0.13 21.50
CA ASP B 334 5.72 -0.19 20.05
C ASP B 334 7.06 0.11 19.32
N ILE B 335 6.99 0.41 18.00
CA ILE B 335 8.15 0.76 17.17
C ILE B 335 9.05 1.80 17.83
N SER B 336 8.47 2.82 18.52
CA SER B 336 9.24 3.89 19.16
C SER B 336 10.20 3.44 20.25
N ALA B 337 10.10 2.18 20.70
CA ALA B 337 11.03 1.58 21.63
C ALA B 337 12.38 1.46 20.94
N ASP B 338 12.40 1.22 19.60
CA ASP B 338 13.63 1.09 18.82
C ASP B 338 14.42 2.38 18.76
N TYR B 339 13.73 3.54 18.82
CA TYR B 339 14.35 4.86 18.78
C TYR B 339 15.08 5.14 20.09
N TRP B 340 14.61 4.57 21.24
CA TRP B 340 15.32 4.66 22.52
C TRP B 340 16.67 3.93 22.39
N SER B 341 16.60 2.67 21.94
CA SER B 341 17.76 1.81 21.76
C SER B 341 18.79 2.41 20.83
N LEU B 342 18.36 3.20 19.83
CA LEU B 342 19.25 3.89 18.88
C LEU B 342 20.14 4.90 19.59
N GLY B 343 19.56 5.70 20.49
CA GLY B 343 20.31 6.64 21.31
C GLY B 343 21.33 5.97 22.22
N ILE B 344 21.05 4.72 22.69
CA ILE B 344 21.94 3.92 23.55
C ILE B 344 23.17 3.48 22.72
N LEU B 345 22.91 2.89 21.52
CA LEU B 345 23.94 2.45 20.56
C LEU B 345 24.89 3.61 20.30
N MET B 346 24.37 4.77 19.92
CA MET B 346 25.17 5.98 19.70
C MET B 346 26.12 6.26 20.84
N TYR B 347 25.57 6.38 22.08
CA TYR B 347 26.32 6.67 23.31
C TYR B 347 27.43 5.63 23.55
N GLU B 348 27.12 4.34 23.33
CA GLU B 348 28.10 3.27 23.48
C GLU B 348 29.19 3.29 22.41
N LEU B 349 28.84 3.53 21.15
CA LEU B 349 29.82 3.52 20.06
C LEU B 349 30.86 4.64 20.22
N LEU B 350 30.41 5.82 20.72
CA LEU B 350 31.27 6.99 20.94
C LEU B 350 32.14 6.89 22.18
N THR B 351 31.73 6.12 23.21
CA THR B 351 32.46 6.02 24.50
C THR B 351 32.95 4.62 24.90
N GLY B 352 32.42 3.56 24.27
CA GLY B 352 32.75 2.17 24.61
C GLY B 352 31.81 1.49 25.61
N SER B 353 30.87 2.25 26.25
CA SER B 353 29.93 1.71 27.24
C SER B 353 28.56 2.41 27.18
N PRO B 354 27.42 1.75 27.52
CA PRO B 354 26.13 2.46 27.51
C PRO B 354 25.98 3.44 28.70
N PRO B 355 24.98 4.34 28.62
CA PRO B 355 24.80 5.32 29.70
C PRO B 355 24.21 4.77 30.99
N PHE B 356 23.55 3.59 30.95
CA PHE B 356 22.91 3.02 32.14
C PHE B 356 23.36 1.58 32.39
N SER B 357 23.93 1.30 33.59
CA SER B 357 24.30 -0.07 33.99
C SER B 357 24.59 -0.14 35.48
N GLY B 358 23.98 -1.13 36.15
CA GLY B 358 24.16 -1.42 37.58
C GLY B 358 24.72 -2.82 37.81
N PRO B 359 24.93 -3.24 39.07
CA PRO B 359 25.50 -4.58 39.32
C PRO B 359 24.61 -5.79 39.02
N ASP B 360 23.33 -5.58 38.67
CA ASP B 360 22.41 -6.64 38.27
C ASP B 360 21.30 -6.01 37.42
N PRO B 361 20.42 -6.82 36.78
CA PRO B 361 19.32 -6.25 35.98
C PRO B 361 18.48 -5.17 36.68
N MET B 362 18.12 -5.44 37.90
CA MET B 362 17.30 -4.56 38.71
C MET B 362 17.90 -3.17 38.90
N LYS B 363 19.18 -3.14 39.23
CA LYS B 363 19.94 -1.93 39.48
C LYS B 363 20.15 -1.20 38.18
N THR B 364 20.32 -1.94 37.04
CA THR B 364 20.40 -1.33 35.70
C THR B 364 19.06 -0.67 35.38
N TYR B 365 17.92 -1.33 35.71
CA TYR B 365 16.58 -0.76 35.47
C TYR B 365 16.34 0.50 36.30
N ASN B 366 16.93 0.61 37.49
CA ASN B 366 16.76 1.78 38.36
C ASN B 366 17.48 3.04 37.84
N ILE B 367 18.57 2.91 37.08
CA ILE B 367 19.27 4.07 36.55
C ILE B 367 18.50 4.52 35.27
N ILE B 368 18.00 3.53 34.48
CA ILE B 368 17.24 3.74 33.23
C ILE B 368 15.97 4.55 33.52
N LEU B 369 15.34 4.34 34.73
CA LEU B 369 14.09 5.01 35.11
C LEU B 369 14.28 6.40 35.70
N ARG B 370 15.53 6.81 35.96
CA ARG B 370 15.84 8.17 36.39
C ARG B 370 16.02 9.12 35.14
N GLY B 371 16.13 8.53 33.93
CA GLY B 371 16.23 9.25 32.67
C GLY B 371 17.63 9.63 32.23
N ILE B 372 17.76 9.94 30.92
CA ILE B 372 19.00 10.41 30.26
C ILE B 372 19.35 11.81 30.72
N ASP B 373 18.34 12.60 31.15
CA ASP B 373 18.55 13.96 31.61
C ASP B 373 19.48 14.02 32.82
N MET B 374 19.53 12.95 33.64
CA MET B 374 20.43 12.95 34.79
C MET B 374 21.80 12.31 34.48
N ILE B 375 22.07 11.91 33.22
CA ILE B 375 23.39 11.44 32.81
C ILE B 375 24.29 12.66 32.53
N GLU B 376 25.51 12.63 33.07
CA GLU B 376 26.51 13.67 32.81
C GLU B 376 27.33 13.16 31.62
N PHE B 377 26.94 13.57 30.42
CA PHE B 377 27.52 13.14 29.15
C PHE B 377 29.04 13.41 29.08
N PRO B 378 29.89 12.41 28.72
CA PRO B 378 31.33 12.68 28.62
C PRO B 378 31.67 13.76 27.64
N LYS B 379 32.80 14.41 27.87
CA LYS B 379 33.30 15.50 27.03
C LYS B 379 33.59 15.02 25.59
N LYS B 380 33.90 13.70 25.43
CA LYS B 380 34.13 13.03 24.14
C LYS B 380 32.84 13.06 23.24
N ILE B 381 31.61 13.15 23.86
CA ILE B 381 30.35 13.25 23.09
C ILE B 381 30.12 14.72 22.64
N ALA B 382 30.07 14.91 21.30
CA ALA B 382 29.90 16.21 20.63
C ALA B 382 28.52 16.80 20.89
N LYS B 383 28.39 18.13 20.97
CA LYS B 383 27.11 18.80 21.25
C LYS B 383 25.94 18.27 20.40
N ASN B 384 26.16 18.12 19.07
CA ASN B 384 25.16 17.62 18.10
C ASN B 384 24.77 16.17 18.36
N ALA B 385 25.77 15.33 18.73
CA ALA B 385 25.58 13.91 19.03
C ALA B 385 24.77 13.77 20.31
N ALA B 386 25.12 14.57 21.34
CA ALA B 386 24.42 14.58 22.63
C ALA B 386 23.00 15.07 22.44
N ASN B 387 22.81 16.08 21.61
CA ASN B 387 21.49 16.64 21.29
C ASN B 387 20.53 15.55 20.80
N LEU B 388 21.05 14.67 19.91
CA LEU B 388 20.30 13.59 19.28
C LEU B 388 20.00 12.47 20.26
N ILE B 389 20.98 12.12 21.11
CA ILE B 389 20.82 11.06 22.11
C ILE B 389 19.73 11.47 23.11
N LYS B 390 19.75 12.74 23.55
CA LYS B 390 18.77 13.25 24.52
C LYS B 390 17.33 13.29 23.91
N LYS B 391 17.21 13.49 22.58
CA LYS B 391 15.93 13.51 21.87
C LYS B 391 15.43 12.11 21.56
N LEU B 392 16.36 11.17 21.37
CA LEU B 392 16.04 9.78 21.05
C LEU B 392 15.68 9.01 22.30
N CYS B 393 16.37 9.30 23.41
CA CYS B 393 16.12 8.64 24.69
C CYS B 393 15.24 9.55 25.57
N ARG B 394 14.01 9.69 25.12
CA ARG B 394 12.98 10.47 25.79
C ARG B 394 12.20 9.46 26.62
N ASP B 395 11.75 9.83 27.84
CA ASP B 395 10.94 8.92 28.69
C ASP B 395 9.60 8.59 28.06
N ASN B 396 8.79 9.62 27.71
CA ASN B 396 7.50 9.42 27.05
C ASN B 396 7.77 8.97 25.61
N PRO B 397 7.31 7.75 25.20
CA PRO B 397 7.57 7.31 23.82
C PRO B 397 6.95 8.21 22.74
N SER B 398 5.83 8.89 23.06
CA SER B 398 5.11 9.80 22.15
C SER B 398 5.92 11.02 21.74
N GLU B 399 6.79 11.53 22.66
CA GLU B 399 7.65 12.72 22.43
C GLU B 399 8.99 12.37 21.75
N ARG B 400 9.27 11.09 21.56
CA ARG B 400 10.55 10.57 21.07
C ARG B 400 10.82 10.78 19.57
N LEU B 401 12.02 11.36 19.22
CA LEU B 401 12.43 11.64 17.81
C LEU B 401 12.39 10.34 17.01
N GLY B 402 11.69 10.36 15.88
CA GLY B 402 11.42 9.19 15.07
C GLY B 402 9.94 8.81 15.16
N ASN B 403 9.29 9.14 16.31
CA ASN B 403 7.86 8.88 16.53
C ASN B 403 7.09 10.22 16.55
N LEU B 404 7.46 11.15 15.64
CA LEU B 404 6.83 12.47 15.54
C LEU B 404 6.12 12.59 14.17
N LYS B 405 5.96 13.80 13.61
CA LYS B 405 5.18 13.98 12.37
C LYS B 405 5.74 13.25 11.19
N ASN B 406 7.01 13.53 10.88
CA ASN B 406 7.67 12.92 9.73
C ASN B 406 8.28 11.56 9.98
N GLY B 407 8.18 11.07 11.22
CA GLY B 407 8.68 9.75 11.55
C GLY B 407 10.21 9.69 11.50
N VAL B 408 10.75 8.68 10.78
CA VAL B 408 12.20 8.46 10.66
C VAL B 408 12.91 9.64 10.02
N LYS B 409 12.22 10.37 9.11
CA LYS B 409 12.77 11.55 8.45
C LYS B 409 13.23 12.60 9.44
N ASP B 410 12.51 12.81 10.57
CA ASP B 410 12.94 13.77 11.62
C ASP B 410 14.37 13.46 12.15
N ILE B 411 14.74 12.16 12.27
CA ILE B 411 16.08 11.70 12.71
C ILE B 411 17.11 11.99 11.59
N GLN B 412 16.72 11.76 10.31
CA GLN B 412 17.57 12.00 9.14
C GLN B 412 17.84 13.54 8.95
N LYS B 413 16.84 14.42 9.25
CA LYS B 413 16.95 15.89 9.13
C LYS B 413 17.92 16.51 10.13
N HIS B 414 18.00 15.92 11.33
CA HIS B 414 18.76 16.40 12.49
C HIS B 414 20.19 16.91 12.17
N LYS B 415 20.53 18.05 12.82
CA LYS B 415 21.83 18.74 12.78
C LYS B 415 23.09 17.80 12.75
N TRP B 416 23.08 16.66 13.49
CA TRP B 416 24.22 15.70 13.51
C TRP B 416 24.44 15.10 12.09
N PHE B 417 23.35 14.89 11.31
CA PHE B 417 23.47 14.40 9.94
C PHE B 417 23.65 15.51 8.86
N GLU B 418 23.94 16.76 9.29
CA GLU B 418 24.19 17.85 8.35
C GLU B 418 25.51 17.54 7.64
N GLY B 419 25.39 17.30 6.33
CA GLY B 419 26.49 16.92 5.46
C GLY B 419 26.58 15.44 5.19
N PHE B 420 25.55 14.65 5.63
CA PHE B 420 25.54 13.19 5.48
C PHE B 420 24.79 12.81 4.21
N ASN B 421 25.45 12.07 3.32
CA ASN B 421 24.85 11.69 2.04
C ASN B 421 23.92 10.48 2.18
N TRP B 422 22.69 10.71 2.63
CA TRP B 422 21.71 9.64 2.81
C TRP B 422 21.42 8.84 1.52
N GLU B 423 21.47 9.50 0.35
CA GLU B 423 21.24 8.82 -0.93
C GLU B 423 22.46 8.00 -1.32
N GLY B 424 23.65 8.52 -1.01
CA GLY B 424 24.91 7.81 -1.24
C GLY B 424 24.88 6.46 -0.54
N LEU B 425 24.44 6.46 0.74
CA LEU B 425 24.31 5.25 1.55
C LEU B 425 23.33 4.26 0.93
N ARG B 426 22.12 4.72 0.56
CA ARG B 426 21.09 3.88 -0.08
C ARG B 426 21.53 3.34 -1.45
N LYS B 427 22.24 4.16 -2.23
CA LYS B 427 22.76 3.70 -3.53
C LYS B 427 23.97 2.75 -3.33
N GLY B 428 24.66 2.93 -2.22
CA GLY B 428 25.85 2.14 -1.91
C GLY B 428 27.12 2.76 -2.45
N THR B 429 27.12 4.07 -2.68
CA THR B 429 28.29 4.77 -3.21
C THR B 429 29.08 5.55 -2.14
N LEU B 430 28.56 5.58 -0.90
CA LEU B 430 29.19 6.27 0.22
C LEU B 430 30.39 5.46 0.70
N THR B 431 31.55 6.09 0.89
CA THR B 431 32.75 5.39 1.35
C THR B 431 32.63 5.17 2.85
N PRO B 432 32.62 3.89 3.36
CA PRO B 432 32.54 3.68 4.83
C PRO B 432 33.76 4.19 5.66
N PRO B 433 33.63 4.20 7.00
CA PRO B 433 34.74 4.67 7.86
C PRO B 433 35.93 3.69 8.01
N ILE B 434 35.63 2.39 8.21
CA ILE B 434 36.62 1.32 8.32
C ILE B 434 36.37 0.41 7.12
N ILE B 435 37.41 0.21 6.27
CA ILE B 435 37.33 -0.58 5.04
C ILE B 435 37.94 -1.99 5.26
N PRO B 436 37.11 -3.06 5.35
CA PRO B 436 37.67 -4.40 5.58
C PRO B 436 38.47 -4.96 4.41
N SER B 437 39.55 -5.70 4.75
CA SER B 437 40.38 -6.38 3.77
C SER B 437 39.79 -7.80 3.64
N VAL B 438 39.06 -8.07 2.55
CA VAL B 438 38.45 -9.37 2.26
C VAL B 438 39.00 -9.83 0.89
N ALA B 439 39.98 -10.76 0.92
CA ALA B 439 40.67 -11.30 -0.25
C ALA B 439 39.78 -12.14 -1.19
N SER B 440 38.81 -12.89 -0.65
CA SER B 440 37.93 -13.74 -1.45
C SER B 440 36.73 -14.15 -0.62
N PRO B 441 35.65 -14.72 -1.25
CA PRO B 441 34.49 -15.20 -0.46
C PRO B 441 34.78 -16.13 0.72
N THR B 442 35.90 -16.92 0.67
CA THR B 442 36.31 -17.82 1.76
C THR B 442 37.22 -17.18 2.84
N ASP B 443 37.56 -15.88 2.71
CA ASP B 443 38.45 -15.20 3.65
C ASP B 443 37.73 -14.81 4.94
N THR B 444 38.04 -15.51 6.05
CA THR B 444 37.48 -15.27 7.38
C THR B 444 38.51 -14.57 8.31
N SER B 445 39.44 -13.75 7.73
CA SER B 445 40.48 -13.09 8.51
C SER B 445 40.02 -11.90 9.40
N ASN B 446 38.75 -11.42 9.28
CA ASN B 446 38.22 -10.31 10.11
C ASN B 446 37.38 -10.83 11.31
N PHE B 447 37.35 -12.17 11.49
CA PHE B 447 36.68 -12.85 12.58
C PHE B 447 37.70 -13.47 13.48
N ASP B 448 37.30 -13.76 14.72
CA ASP B 448 38.17 -14.44 15.68
C ASP B 448 38.26 -15.91 15.32
N SER B 449 39.30 -16.59 15.79
CA SER B 449 39.50 -18.02 15.51
C SER B 449 38.96 -18.83 16.69
N PHE B 450 38.04 -19.80 16.42
CA PHE B 450 37.43 -20.68 17.45
C PHE B 450 37.83 -22.11 17.11
N PRO B 451 38.15 -22.95 18.11
CA PRO B 451 38.49 -24.36 17.82
C PRO B 451 37.25 -25.17 17.45
N GLU B 452 37.46 -26.29 16.76
CA GLU B 452 36.36 -27.16 16.32
C GLU B 452 35.52 -27.72 17.48
N ASP B 453 34.25 -28.07 17.18
CA ASP B 453 33.32 -28.66 18.15
C ASP B 453 33.92 -29.99 18.64
N ASN B 454 34.27 -30.10 19.93
CA ASN B 454 34.81 -31.35 20.50
C ASN B 454 33.73 -32.03 21.38
N ASP B 455 32.58 -31.37 21.59
CA ASP B 455 31.53 -31.88 22.49
C ASP B 455 30.64 -32.98 21.91
N GLU B 456 29.83 -33.58 22.80
CA GLU B 456 28.88 -34.65 22.49
C GLU B 456 27.68 -33.99 21.83
N PRO B 457 27.02 -34.55 20.78
CA PRO B 457 25.85 -33.84 20.22
C PRO B 457 24.67 -33.82 21.20
N PRO B 458 23.78 -32.82 21.10
CA PRO B 458 22.66 -32.72 22.04
C PRO B 458 21.60 -33.78 21.80
N PRO B 459 20.58 -33.94 22.66
CA PRO B 459 19.55 -34.97 22.38
C PRO B 459 18.77 -34.70 21.10
N ASP B 460 18.12 -35.74 20.57
CA ASP B 460 17.22 -35.61 19.44
C ASP B 460 15.96 -34.94 19.98
N ASP B 461 15.18 -34.31 19.11
CA ASP B 461 13.91 -33.68 19.49
C ASP B 461 12.99 -33.74 18.30
N ASN B 462 12.03 -34.67 18.32
CA ASN B 462 11.10 -34.85 17.20
C ASN B 462 9.69 -34.52 17.66
N SER B 463 9.55 -33.38 18.37
CA SER B 463 8.30 -32.93 18.93
C SER B 463 7.38 -32.34 17.87
N GLY B 464 7.95 -31.76 16.82
CA GLY B 464 7.15 -31.24 15.72
C GLY B 464 6.79 -29.77 15.81
N TRP B 465 7.48 -29.01 16.67
CA TRP B 465 7.36 -27.56 16.69
C TRP B 465 8.23 -27.11 15.50
N ASP B 466 9.29 -27.92 15.26
CA ASP B 466 10.18 -27.96 14.12
C ASP B 466 9.55 -27.73 12.76
N ILE B 467 8.45 -28.47 12.51
CA ILE B 467 7.68 -28.67 11.27
C ILE B 467 7.91 -27.61 10.13
N ASP B 468 7.89 -26.30 10.46
CA ASP B 468 8.04 -25.24 9.47
C ASP B 468 9.44 -25.11 8.85
N PHE B 469 10.49 -25.55 9.55
CA PHE B 469 11.88 -25.38 9.14
C PHE B 469 12.31 -26.28 8.00
N EXZ C . -4.06 18.57 -15.66
C EXZ C . -3.48 23.02 -16.91
O EXZ C . -4.80 22.88 -16.41
CL1 EXZ C . -1.84 23.53 -22.60
C26 EXZ C . -2.97 22.81 -21.49
C25 EXZ C . -4.25 22.50 -21.93
C24 EXZ C . -5.16 22.07 -20.98
CL EXZ C . -6.81 21.81 -21.47
C23 EXZ C . -4.81 21.90 -19.65
C27 EXZ C . -2.59 22.63 -20.17
C22 EXZ C . -3.52 22.16 -19.25
C1 EXZ C . -3.06 21.86 -17.83
O1 EXZ C . -3.67 20.68 -17.30
C2 EXZ C . -3.31 19.40 -17.88
C15 EXZ C . -4.26 18.44 -17.16
C16 EXZ C . -5.65 18.69 -17.70
C21 EXZ C . -6.06 18.02 -18.84
C20 EXZ C . -7.29 18.28 -19.42
C19 EXZ C . -8.14 19.21 -18.85
C18 EXZ C . -7.75 19.88 -17.71
C17 EXZ C . -6.51 19.62 -17.13
C5 EXZ C . -2.64 18.27 -15.29
C4 EXZ C . -1.66 19.14 -16.04
C3 EXZ C . -1.87 19.04 -17.54
C6 EXZ C . -5.01 17.69 -14.85
C7 EXZ C . -5.16 18.14 -13.41
C12 EXZ C . -4.47 17.56 -12.34
C13 EXZ C . -3.59 16.35 -12.49
C11 EXZ C . -4.65 18.10 -11.06
C10 EXZ C . -5.51 19.16 -10.83
C14 EXZ C . -5.61 19.79 -9.45
O3 EXZ C . -5.41 19.03 -8.45
O2 EXZ C . -5.89 21.01 -9.37
C9 EXZ C . -6.23 19.70 -11.90
C8 EXZ C . -6.05 19.19 -13.17
CL CL D . -15.57 14.17 -4.94
N EXZ E . 10.36 -12.35 -14.35
C EXZ E . 11.00 -9.31 -18.08
O EXZ E . 12.28 -9.79 -17.70
CL1 EXZ E . 5.62 -7.86 -17.09
C26 EXZ E . 6.61 -8.76 -18.19
C25 EXZ E . 6.11 -9.09 -19.43
C24 EXZ E . 6.96 -9.74 -20.30
CL EXZ E . 6.44 -9.97 -21.95
C23 EXZ E . 8.22 -10.13 -19.94
C27 EXZ E . 7.89 -9.13 -17.80
C22 EXZ E . 8.69 -9.86 -18.66
C1 EXZ E . 9.98 -10.43 -18.16
O1 EXZ E . 9.90 -10.93 -16.81
C2 EXZ E . 9.12 -12.12 -16.55
C15 EXZ E . 9.01 -12.19 -15.03
C16 EXZ E . 8.19 -11.02 -14.45
C21 EXZ E . 6.88 -11.26 -14.03
C20 EXZ E . 6.17 -10.25 -13.38
C19 EXZ E . 6.73 -9.01 -13.18
C18 EXZ E . 8.01 -8.75 -13.65
C17 EXZ E . 8.73 -9.76 -14.27
C5 EXZ E . 11.13 -13.51 -14.92
C4 EXZ E . 11.22 -13.44 -16.44
C3 EXZ E . 9.83 -13.36 -17.07
C6 EXZ E . 10.24 -12.47 -12.82
C7 EXZ E . 11.51 -12.76 -12.08
C12 EXZ E . 11.92 -14.06 -11.73
C13 EXZ E . 10.99 -15.24 -11.84
C11 EXZ E . 13.18 -14.24 -11.16
C10 EXZ E . 14.03 -13.17 -10.92
C14 EXZ E . 15.42 -13.41 -10.36
O3 EXZ E . 16.03 -14.45 -10.73
O2 EXZ E . 15.90 -12.56 -9.57
C9 EXZ E . 13.60 -11.88 -11.22
C8 EXZ E . 12.35 -11.69 -11.80
CL CL F . 19.31 -7.22 0.44
#